data_4MYA
#
_entry.id   4MYA
#
_cell.length_a   110.852
_cell.length_b   110.852
_cell.length_c   56.258
_cell.angle_alpha   90.00
_cell.angle_beta   90.00
_cell.angle_gamma   90.00
#
_symmetry.space_group_name_H-M   'P 4'
#
loop_
_entity.id
_entity.type
_entity.pdbx_description
1 polymer "Inosine-5'-monophosphate dehydrogenase"
2 non-polymer 'INOSINIC ACID'
3 non-polymer 4-{(1R)-1-[1-(4-chlorophenyl)-1H-1,2,3-triazol-4-yl]ethoxy}quinolin-2(1H)-one
4 non-polymer GLYCEROL
5 water water
#
_entity_poly.entity_id   1
_entity_poly.type   'polypeptide(L)'
_entity_poly.pdbx_seq_one_letter_code
;MHHHHHHSSGVDLGTENLYFQSNAMWESKFVKEGLTFDDVLLVPAKSDVLPREVSVKTVLSESLQLNIPLISAGMDTVTE
ADMAIAMARQGGLGIIHKNMSIEQQAEQVDKVKRSGGLLVGAAVGVTADAMTRIDALVKASVDAIVLDTAHGHSQGVIDK
VKEVRAKYPSLNIIAGNVATAEATKALIEAGANVVKVGIGPGSICTTRVVAGVGVPQLTAVYDCATEARKHGIPVIADGG
IKYSGDMVKALAAGAHVVMLGSMFAGVAESPGETEIYQGRQFKVYRGMGSVGAMEKGSKDRYFQEGNKKLVPEGIEGRVP
YKGPLADTVHQLVGGLRAGMGYCGAQDLEFLRENAQFIRMSGAGLLESHPHHVQITKEAPNYSL
;
_entity_poly.pdbx_strand_id   A,B
#
# COMPACT_ATOMS: atom_id res chain seq x y z
N ASN A 23 -4.00 57.47 3.35
CA ASN A 23 -4.20 58.01 4.69
C ASN A 23 -3.64 57.03 5.74
N ALA A 24 -4.54 56.40 6.49
CA ALA A 24 -4.11 55.38 7.45
C ALA A 24 -3.44 54.23 6.71
N MET A 25 -4.00 53.87 5.56
CA MET A 25 -3.48 52.75 4.77
C MET A 25 -2.08 53.05 4.24
N TRP A 26 -1.80 54.33 3.99
CA TRP A 26 -0.48 54.72 3.51
C TRP A 26 0.55 54.43 4.59
N GLU A 27 0.23 54.79 5.83
CA GLU A 27 1.13 54.60 6.96
C GLU A 27 1.38 53.14 7.34
N SER A 28 0.40 52.27 7.11
CA SER A 28 0.51 50.86 7.53
C SER A 28 1.17 49.94 6.50
N LYS A 29 1.59 50.51 5.37
CA LYS A 29 2.03 49.72 4.22
C LYS A 29 3.07 48.64 4.55
N PHE A 30 4.02 48.97 5.43
CA PHE A 30 5.12 48.05 5.70
C PHE A 30 5.14 47.50 7.14
N VAL A 31 4.01 47.58 7.84
CA VAL A 31 4.03 47.20 9.25
C VAL A 31 4.04 45.69 9.50
N LYS A 32 3.29 44.92 8.71
CA LYS A 32 3.11 43.51 8.98
C LYS A 32 4.39 42.71 8.72
N GLU A 33 4.57 41.61 9.47
CA GLU A 33 5.69 40.70 9.26
C GLU A 33 5.14 39.30 9.18
N GLY A 34 5.80 38.44 8.44
CA GLY A 34 5.32 37.08 8.24
C GLY A 34 6.44 36.07 8.38
N LEU A 35 6.08 34.87 8.84
CA LEU A 35 7.04 33.79 9.08
C LEU A 35 6.70 32.62 8.20
N THR A 36 7.71 31.89 7.78
CA THR A 36 7.46 30.66 7.03
C THR A 36 8.11 29.51 7.78
N PHE A 37 7.98 28.29 7.26
CA PHE A 37 8.46 27.08 7.93
C PHE A 37 9.90 27.18 8.44
N ASP A 38 10.80 27.62 7.57
CA ASP A 38 12.21 27.66 7.91
C ASP A 38 12.59 28.78 8.91
N ASP A 39 11.64 29.64 9.28
CA ASP A 39 11.90 30.70 10.25
C ASP A 39 11.76 30.25 11.71
N VAL A 40 11.20 29.06 11.95
CA VAL A 40 10.86 28.67 13.33
C VAL A 40 11.18 27.21 13.62
N LEU A 41 11.26 26.88 14.91
CA LEU A 41 11.26 25.50 15.36
C LEU A 41 10.18 25.32 16.43
N LEU A 42 9.65 24.11 16.57
CA LEU A 42 8.76 23.83 17.69
C LEU A 42 9.56 23.57 18.97
N VAL A 43 9.12 24.14 20.09
CA VAL A 43 9.80 23.99 21.37
C VAL A 43 9.34 22.71 22.06
N PRO A 44 10.30 21.84 22.42
CA PRO A 44 9.97 20.61 23.15
C PRO A 44 9.31 20.94 24.48
N ALA A 45 8.31 20.14 24.86
CA ALA A 45 7.60 20.36 26.10
C ALA A 45 7.45 19.04 26.87
N LYS A 46 6.97 19.12 28.11
CA LYS A 46 6.76 17.92 28.93
C LYS A 46 5.85 16.92 28.22
N SER A 47 6.31 15.68 28.11
CA SER A 47 5.57 14.64 27.41
C SER A 47 5.49 13.34 28.21
N ASP A 48 4.32 12.71 28.23
CA ASP A 48 4.25 11.34 28.72
C ASP A 48 3.68 10.45 27.64
N VAL A 49 3.88 10.86 26.40
CA VAL A 49 3.39 10.10 25.27
C VAL A 49 4.54 9.76 24.31
N LEU A 50 4.58 8.50 23.89
CA LEU A 50 5.53 8.07 22.87
C LEU A 50 4.92 8.33 21.51
N PRO A 51 5.76 8.51 20.48
CA PRO A 51 5.25 8.72 19.13
C PRO A 51 4.22 7.67 18.71
N ARG A 52 4.44 6.40 19.05
CA ARG A 52 3.54 5.36 18.57
C ARG A 52 2.18 5.43 19.28
N GLU A 53 2.10 6.17 20.37
CA GLU A 53 0.84 6.25 21.13
C GLU A 53 -0.04 7.46 20.78
N VAL A 54 0.50 8.44 20.05
CA VAL A 54 -0.29 9.64 19.78
C VAL A 54 -1.42 9.40 18.79
N SER A 55 -2.44 10.24 18.85
CA SER A 55 -3.51 10.18 17.87
C SER A 55 -3.31 11.21 16.79
N VAL A 56 -3.40 10.80 15.52
CA VAL A 56 -3.25 11.74 14.41
C VAL A 56 -4.57 11.89 13.67
N LYS A 57 -5.66 11.50 14.33
CA LYS A 57 -6.99 11.63 13.72
C LYS A 57 -7.40 13.08 13.73
N THR A 58 -8.25 13.46 12.77
CA THR A 58 -8.76 14.82 12.73
C THR A 58 -10.18 14.88 12.15
N VAL A 59 -11.01 15.74 12.71
CA VAL A 59 -12.39 15.89 12.26
C VAL A 59 -12.54 17.20 11.51
N LEU A 60 -12.85 17.13 10.22
CA LEU A 60 -13.06 18.35 9.44
C LEU A 60 -14.53 18.79 9.50
N SER A 61 -15.43 17.81 9.50
CA SER A 61 -16.85 18.06 9.74
C SER A 61 -17.51 16.78 10.23
N GLU A 62 -18.80 16.85 10.52
CA GLU A 62 -19.53 15.67 10.99
C GLU A 62 -19.43 14.53 10.00
N SER A 63 -19.29 14.85 8.72
CA SER A 63 -19.29 13.84 7.67
C SER A 63 -17.94 13.73 6.96
N LEU A 64 -16.89 14.29 7.56
CA LEU A 64 -15.58 14.23 6.94
C LEU A 64 -14.50 14.09 8.00
N GLN A 65 -14.23 12.86 8.40
CA GLN A 65 -13.28 12.60 9.48
C GLN A 65 -12.11 11.80 8.93
N LEU A 66 -10.90 12.27 9.17
CA LEU A 66 -9.70 11.67 8.59
C LEU A 66 -8.87 11.00 9.67
N ASN A 67 -8.35 9.81 9.38
CA ASN A 67 -7.46 9.13 10.31
C ASN A 67 -6.02 9.64 10.28
N ILE A 68 -5.62 10.30 9.19
CA ILE A 68 -4.34 11.02 9.15
C ILE A 68 -4.57 12.39 8.50
N PRO A 69 -3.81 13.41 8.94
CA PRO A 69 -4.20 14.77 8.55
C PRO A 69 -3.53 15.18 7.24
N LEU A 70 -3.70 14.37 6.20
CA LEU A 70 -3.03 14.62 4.91
C LEU A 70 -4.04 14.57 3.77
N ILE A 71 -3.96 15.56 2.89
CA ILE A 71 -4.76 15.59 1.66
C ILE A 71 -3.82 15.75 0.45
N SER A 72 -4.05 14.97 -0.60
CA SER A 72 -3.26 15.16 -1.83
C SER A 72 -3.90 16.23 -2.71
N ALA A 73 -3.04 17.08 -3.30
CA ALA A 73 -3.49 18.26 -4.04
C ALA A 73 -4.37 17.92 -5.25
N GLY A 74 -5.33 18.78 -5.54
CA GLY A 74 -6.13 18.63 -6.74
C GLY A 74 -5.38 19.14 -7.95
N MET A 75 -4.35 18.40 -8.36
CA MET A 75 -3.50 18.81 -9.48
C MET A 75 -3.41 17.67 -10.47
N ASP A 76 -3.29 18.01 -11.75
CA ASP A 76 -3.32 17.00 -12.81
C ASP A 76 -2.06 16.12 -12.86
N THR A 77 -1.07 16.44 -12.03
CA THR A 77 0.07 15.55 -11.89
C THR A 77 0.16 14.93 -10.48
N VAL A 78 -0.93 15.01 -9.71
CA VAL A 78 -0.93 14.49 -8.33
C VAL A 78 -2.08 13.53 -8.05
N THR A 79 -3.30 13.94 -8.31
CA THR A 79 -4.46 13.15 -7.87
C THR A 79 -5.52 12.88 -8.93
N GLU A 80 -5.62 11.62 -9.32
CA GLU A 80 -6.82 11.08 -9.97
C GLU A 80 -7.28 9.91 -9.09
N ALA A 81 -8.07 8.99 -9.63
CA ALA A 81 -8.69 7.98 -8.77
C ALA A 81 -7.72 7.06 -8.01
N ASP A 82 -6.64 6.66 -8.66
CA ASP A 82 -5.69 5.72 -8.04
C ASP A 82 -5.04 6.35 -6.82
N MET A 83 -4.69 7.64 -6.92
CA MET A 83 -4.09 8.36 -5.80
C MET A 83 -5.13 8.52 -4.69
N ALA A 84 -6.33 8.92 -5.07
CA ALA A 84 -7.39 9.15 -4.10
C ALA A 84 -7.74 7.86 -3.32
N ILE A 85 -7.77 6.74 -4.03
CA ILE A 85 -7.98 5.45 -3.38
C ILE A 85 -6.85 5.15 -2.39
N ALA A 86 -5.61 5.35 -2.83
CA ALA A 86 -4.48 5.03 -1.95
C ALA A 86 -4.47 5.98 -0.76
N MET A 87 -4.78 7.25 -1.02
CA MET A 87 -4.79 8.24 0.07
C MET A 87 -5.85 7.88 1.11
N ALA A 88 -7.04 7.52 0.64
CA ALA A 88 -8.14 7.21 1.54
C ALA A 88 -7.83 5.98 2.41
N ARG A 89 -7.24 4.96 1.80
CA ARG A 89 -6.84 3.74 2.53
C ARG A 89 -5.80 4.02 3.62
N GLN A 90 -4.97 5.04 3.41
CA GLN A 90 -3.97 5.43 4.39
C GLN A 90 -4.62 6.24 5.52
N GLY A 91 -5.86 6.67 5.32
CA GLY A 91 -6.58 7.43 6.32
C GLY A 91 -6.74 8.90 5.95
N GLY A 92 -6.25 9.27 4.77
CA GLY A 92 -6.30 10.64 4.32
C GLY A 92 -7.37 10.89 3.28
N LEU A 93 -7.12 11.83 2.38
CA LEU A 93 -8.11 12.24 1.39
C LEU A 93 -7.42 12.68 0.12
N GLY A 94 -7.96 12.29 -1.03
CA GLY A 94 -7.47 12.79 -2.31
C GLY A 94 -8.49 13.73 -2.95
N ILE A 95 -8.01 14.82 -3.55
CA ILE A 95 -8.89 15.71 -4.31
C ILE A 95 -8.71 15.47 -5.81
N ILE A 96 -9.73 14.90 -6.46
CA ILE A 96 -9.64 14.68 -7.90
C ILE A 96 -9.60 16.03 -8.63
N HIS A 97 -8.60 16.22 -9.47
CA HIS A 97 -8.41 17.50 -10.17
C HIS A 97 -9.47 17.76 -11.25
N LYS A 98 -9.57 19.03 -11.66
CA LYS A 98 -10.65 19.50 -12.52
C LYS A 98 -10.26 19.59 -14.00
N ASN A 99 -9.05 19.17 -14.35
CA ASN A 99 -8.62 19.25 -15.74
C ASN A 99 -9.06 18.03 -16.52
N MET A 100 -10.37 17.82 -16.54
CA MET A 100 -10.99 16.74 -17.28
C MET A 100 -12.46 17.09 -17.46
N SER A 101 -13.17 16.35 -18.31
CA SER A 101 -14.57 16.66 -18.52
C SER A 101 -15.37 16.39 -17.25
N ILE A 102 -16.56 16.97 -17.18
CA ILE A 102 -17.46 16.67 -16.08
C ILE A 102 -17.70 15.17 -15.96
N GLU A 103 -17.97 14.51 -17.08
CA GLU A 103 -18.21 13.06 -17.09
C GLU A 103 -17.02 12.27 -16.56
N GLN A 104 -15.82 12.68 -16.96
CA GLN A 104 -14.62 11.99 -16.53
C GLN A 104 -14.39 12.12 -15.03
N GLN A 105 -14.63 13.32 -14.51
CA GLN A 105 -14.42 13.56 -13.09
C GLN A 105 -15.43 12.80 -12.24
N ALA A 106 -16.69 12.81 -12.66
CA ALA A 106 -17.72 12.07 -11.95
C ALA A 106 -17.40 10.59 -11.95
N GLU A 107 -16.85 10.10 -13.06
CA GLU A 107 -16.47 8.70 -13.19
C GLU A 107 -15.34 8.35 -12.22
N GLN A 108 -14.39 9.27 -12.08
CA GLN A 108 -13.26 9.07 -11.17
C GLN A 108 -13.72 9.01 -9.72
N VAL A 109 -14.64 9.89 -9.36
CA VAL A 109 -15.20 9.92 -8.01
C VAL A 109 -15.92 8.60 -7.75
N ASP A 110 -16.73 8.18 -8.71
CA ASP A 110 -17.49 6.95 -8.59
C ASP A 110 -16.54 5.76 -8.40
N LYS A 111 -15.44 5.76 -9.15
CA LYS A 111 -14.42 4.73 -9.04
C LYS A 111 -13.88 4.62 -7.60
N VAL A 112 -13.66 5.75 -6.95
CA VAL A 112 -13.20 5.72 -5.57
C VAL A 112 -14.27 5.19 -4.63
N LYS A 113 -15.51 5.67 -4.81
CA LYS A 113 -16.60 5.26 -3.93
C LYS A 113 -16.85 3.76 -4.01
N ARG A 114 -16.78 3.18 -5.21
CA ARG A 114 -17.06 1.76 -5.33
C ARG A 114 -15.91 0.90 -4.81
N SER A 115 -14.79 1.54 -4.52
N SER A 115 -14.80 1.54 -4.50
CA SER A 115 -13.65 0.85 -3.96
CA SER A 115 -13.64 0.81 -3.98
C SER A 115 -13.75 0.77 -2.44
C SER A 115 -13.73 0.63 -2.47
N GLY A 116 -14.95 0.45 -1.95
CA GLY A 116 -15.16 0.25 -0.53
C GLY A 116 -15.75 1.44 0.20
N GLY A 117 -16.30 2.39 -0.55
CA GLY A 117 -16.95 3.54 0.06
C GLY A 117 -15.99 4.51 0.69
N LEU A 118 -14.74 4.46 0.24
CA LEU A 118 -13.70 5.39 0.69
C LEU A 118 -14.10 6.84 0.47
N LEU A 119 -13.52 7.74 1.27
CA LEU A 119 -13.77 9.17 1.12
C LEU A 119 -13.09 9.72 -0.12
N VAL A 120 -13.71 10.69 -0.78
CA VAL A 120 -13.05 11.36 -1.91
C VAL A 120 -13.54 12.80 -2.07
N GLY A 121 -12.63 13.70 -2.45
CA GLY A 121 -13.00 15.07 -2.76
C GLY A 121 -12.79 15.35 -4.24
N ALA A 122 -13.30 16.48 -4.73
CA ALA A 122 -13.18 16.84 -6.14
C ALA A 122 -13.11 18.35 -6.30
N ALA A 123 -12.22 18.80 -7.18
CA ALA A 123 -12.01 20.23 -7.40
C ALA A 123 -12.95 20.78 -8.47
N VAL A 124 -13.43 22.00 -8.22
CA VAL A 124 -14.31 22.68 -9.17
C VAL A 124 -13.86 24.15 -9.23
N GLY A 125 -13.82 24.71 -10.43
CA GLY A 125 -13.43 26.11 -10.60
C GLY A 125 -14.63 27.04 -10.50
N VAL A 126 -14.38 28.34 -10.47
CA VAL A 126 -15.46 29.31 -10.56
C VAL A 126 -15.74 29.57 -12.03
N THR A 127 -16.72 28.85 -12.58
CA THR A 127 -17.09 28.98 -13.97
C THR A 127 -18.60 28.95 -14.07
N ALA A 128 -19.11 29.26 -15.25
CA ALA A 128 -20.54 29.17 -15.51
C ALA A 128 -21.03 27.74 -15.33
N ASP A 129 -20.20 26.78 -15.72
CA ASP A 129 -20.62 25.38 -15.67
C ASP A 129 -20.31 24.69 -14.34
N ALA A 130 -19.91 25.48 -13.33
CA ALA A 130 -19.55 24.92 -12.03
C ALA A 130 -20.68 24.13 -11.37
N MET A 131 -21.89 24.68 -11.36
CA MET A 131 -23.01 23.96 -10.78
C MET A 131 -23.32 22.66 -11.53
N THR A 132 -23.22 22.68 -12.86
CA THR A 132 -23.43 21.47 -13.64
C THR A 132 -22.40 20.41 -13.22
N ARG A 133 -21.15 20.83 -13.09
CA ARG A 133 -20.09 19.91 -12.66
C ARG A 133 -20.38 19.40 -11.25
N ILE A 134 -20.73 20.30 -10.33
CA ILE A 134 -21.04 19.89 -8.96
C ILE A 134 -22.22 18.92 -8.89
N ASP A 135 -23.28 19.18 -9.68
CA ASP A 135 -24.43 18.28 -9.76
C ASP A 135 -24.01 16.83 -10.01
N ALA A 136 -23.16 16.64 -11.01
CA ALA A 136 -22.69 15.31 -11.39
C ALA A 136 -21.81 14.66 -10.32
N LEU A 137 -21.01 15.48 -9.64
CA LEU A 137 -20.11 14.97 -8.62
C LEU A 137 -20.93 14.51 -7.40
N VAL A 138 -21.94 15.29 -7.06
CA VAL A 138 -22.87 14.91 -5.99
C VAL A 138 -23.63 13.62 -6.31
N LYS A 139 -24.05 13.46 -7.58
CA LYS A 139 -24.69 12.22 -8.00
C LYS A 139 -23.74 11.04 -7.88
N ALA A 140 -22.45 11.30 -8.06
CA ALA A 140 -21.42 10.26 -7.93
C ALA A 140 -20.99 10.01 -6.48
N SER A 141 -21.66 10.68 -5.54
CA SER A 141 -21.41 10.53 -4.10
C SER A 141 -20.09 11.10 -3.59
N VAL A 142 -19.65 12.22 -4.17
CA VAL A 142 -18.44 12.89 -3.69
C VAL A 142 -18.63 13.32 -2.24
N ASP A 143 -17.56 13.31 -1.44
CA ASP A 143 -17.68 13.67 -0.04
C ASP A 143 -17.42 15.15 0.23
N ALA A 144 -16.62 15.77 -0.62
CA ALA A 144 -16.33 17.19 -0.49
C ALA A 144 -16.07 17.80 -1.84
N ILE A 145 -16.56 19.01 -2.04
CA ILE A 145 -16.20 19.80 -3.21
C ILE A 145 -15.15 20.82 -2.78
N VAL A 146 -14.09 20.95 -3.57
CA VAL A 146 -13.13 22.02 -3.38
C VAL A 146 -13.37 23.10 -4.45
N LEU A 147 -13.90 24.24 -4.03
CA LEU A 147 -13.93 25.40 -4.91
C LEU A 147 -12.53 25.96 -4.93
N ASP A 148 -11.82 25.68 -6.01
CA ASP A 148 -10.37 25.87 -6.04
C ASP A 148 -10.04 27.01 -6.97
N THR A 149 -9.51 28.09 -6.42
CA THR A 149 -9.28 29.29 -7.20
C THR A 149 -7.94 29.89 -6.78
N ALA A 150 -7.32 30.63 -7.70
CA ALA A 150 -6.07 31.33 -7.42
C ALA A 150 -6.29 32.34 -6.32
N HIS A 151 -7.42 33.05 -6.36
CA HIS A 151 -7.66 34.12 -5.40
C HIS A 151 -9.04 33.96 -4.74
N GLY A 152 -9.07 33.28 -3.60
CA GLY A 152 -10.30 32.94 -2.93
C GLY A 152 -11.07 34.14 -2.41
N HIS A 153 -10.36 35.23 -2.11
CA HIS A 153 -10.99 36.41 -1.54
C HIS A 153 -11.52 37.32 -2.64
N SER A 154 -12.36 36.74 -3.49
CA SER A 154 -12.96 37.49 -4.57
C SER A 154 -14.46 37.30 -4.55
N GLN A 155 -15.18 38.29 -5.06
CA GLN A 155 -16.64 38.23 -5.07
C GLN A 155 -17.17 37.05 -5.85
N GLY A 156 -16.47 36.67 -6.92
CA GLY A 156 -16.89 35.53 -7.73
C GLY A 156 -16.92 34.25 -6.91
N VAL A 157 -15.89 34.06 -6.08
CA VAL A 157 -15.80 32.88 -5.25
C VAL A 157 -16.89 32.87 -4.18
N ILE A 158 -17.01 33.99 -3.47
CA ILE A 158 -18.03 34.16 -2.44
C ILE A 158 -19.43 33.86 -2.99
N ASP A 159 -19.73 34.42 -4.15
CA ASP A 159 -21.03 34.20 -4.79
C ASP A 159 -21.21 32.72 -5.12
N LYS A 160 -20.17 32.09 -5.65
CA LYS A 160 -20.29 30.68 -5.99
C LYS A 160 -20.52 29.82 -4.73
N VAL A 161 -19.78 30.09 -3.66
CA VAL A 161 -19.99 29.36 -2.42
C VAL A 161 -21.43 29.52 -1.93
N LYS A 162 -21.94 30.75 -1.91
CA LYS A 162 -23.32 30.97 -1.45
C LYS A 162 -24.30 30.15 -2.28
N GLU A 163 -24.08 30.13 -3.58
CA GLU A 163 -24.94 29.43 -4.53
C GLU A 163 -24.92 27.91 -4.28
N VAL A 164 -23.73 27.36 -4.12
CA VAL A 164 -23.60 25.91 -3.88
C VAL A 164 -24.21 25.53 -2.54
N ARG A 165 -23.92 26.32 -1.51
CA ARG A 165 -24.43 26.04 -0.17
C ARG A 165 -25.96 26.08 -0.14
N ALA A 166 -26.54 26.98 -0.91
CA ALA A 166 -28.00 27.12 -0.96
C ALA A 166 -28.61 25.89 -1.60
N LYS A 167 -27.99 25.38 -2.65
CA LYS A 167 -28.53 24.21 -3.32
C LYS A 167 -28.25 22.92 -2.55
N TYR A 168 -27.09 22.86 -1.90
CA TYR A 168 -26.63 21.67 -1.19
C TYR A 168 -26.26 21.96 0.27
N PRO A 169 -27.27 22.05 1.15
CA PRO A 169 -27.10 22.45 2.55
C PRO A 169 -26.19 21.53 3.36
N SER A 170 -26.09 20.27 2.96
CA SER A 170 -25.29 19.33 3.74
C SER A 170 -23.94 18.98 3.11
N LEU A 171 -23.65 19.55 1.95
CA LEU A 171 -22.41 19.25 1.22
C LEU A 171 -21.17 19.88 1.86
N ASN A 172 -20.12 19.09 2.07
CA ASN A 172 -18.86 19.65 2.52
C ASN A 172 -18.27 20.53 1.44
N ILE A 173 -18.11 21.82 1.76
CA ILE A 173 -17.55 22.77 0.82
C ILE A 173 -16.21 23.29 1.37
N ILE A 174 -15.14 22.91 0.69
CA ILE A 174 -13.81 23.44 1.00
C ILE A 174 -13.60 24.58 0.02
N ALA A 175 -13.31 25.78 0.52
CA ALA A 175 -13.11 26.93 -0.36
C ALA A 175 -11.76 27.60 -0.12
N GLY A 176 -11.13 28.05 -1.20
CA GLY A 176 -9.84 28.71 -1.11
C GLY A 176 -9.36 29.10 -2.50
N ASN A 177 -8.11 29.55 -2.61
CA ASN A 177 -7.23 29.72 -1.46
C ASN A 177 -7.23 31.13 -0.92
N VAL A 178 -6.94 31.24 0.38
CA VAL A 178 -6.85 32.55 1.00
C VAL A 178 -5.61 32.62 1.88
N ALA A 179 -5.28 33.81 2.35
CA ALA A 179 -4.13 33.96 3.22
C ALA A 179 -4.32 34.98 4.34
N THR A 180 -5.54 35.45 4.55
CA THR A 180 -5.82 36.46 5.58
C THR A 180 -7.07 36.12 6.40
N ALA A 181 -7.14 36.69 7.60
CA ALA A 181 -8.29 36.54 8.46
C ALA A 181 -9.58 37.02 7.79
N GLU A 182 -9.50 38.16 7.12
N GLU A 182 -9.50 38.16 7.10
CA GLU A 182 -10.67 38.76 6.48
CA GLU A 182 -10.68 38.75 6.49
C GLU A 182 -11.25 37.85 5.40
C GLU A 182 -11.25 37.88 5.38
N ALA A 183 -10.37 37.29 4.57
CA ALA A 183 -10.79 36.37 3.52
C ALA A 183 -11.43 35.15 4.14
N THR A 184 -10.81 34.65 5.20
CA THR A 184 -11.33 33.51 5.92
C THR A 184 -12.74 33.77 6.43
N LYS A 185 -12.94 34.92 7.06
CA LYS A 185 -14.25 35.34 7.54
C LYS A 185 -15.25 35.37 6.39
N ALA A 186 -14.84 35.97 5.28
CA ALA A 186 -15.72 36.09 4.11
C ALA A 186 -16.18 34.73 3.55
N LEU A 187 -15.29 33.76 3.50
CA LEU A 187 -15.66 32.45 2.94
C LEU A 187 -16.57 31.70 3.92
N ILE A 188 -16.27 31.81 5.21
CA ILE A 188 -17.10 31.12 6.20
C ILE A 188 -18.51 31.68 6.20
N GLU A 189 -18.62 33.01 6.14
CA GLU A 189 -19.92 33.64 6.09
C GLU A 189 -20.69 33.28 4.83
N ALA A 190 -19.97 33.06 3.73
CA ALA A 190 -20.62 32.68 2.48
C ALA A 190 -21.10 31.24 2.52
N GLY A 191 -20.56 30.45 3.45
CA GLY A 191 -21.05 29.10 3.65
C GLY A 191 -20.04 27.99 3.54
N ALA A 192 -18.77 28.33 3.34
CA ALA A 192 -17.73 27.30 3.28
C ALA A 192 -17.55 26.69 4.67
N ASN A 193 -17.43 25.38 4.76
CA ASN A 193 -17.23 24.78 6.08
C ASN A 193 -15.80 24.30 6.32
N VAL A 194 -14.95 24.43 5.30
CA VAL A 194 -13.51 24.24 5.46
C VAL A 194 -12.85 25.33 4.61
N VAL A 195 -11.79 25.95 5.15
CA VAL A 195 -11.09 27.00 4.40
C VAL A 195 -9.67 26.55 4.05
N LYS A 196 -9.29 26.70 2.79
CA LYS A 196 -7.96 26.26 2.35
C LYS A 196 -7.00 27.45 2.25
N VAL A 197 -5.85 27.32 2.90
CA VAL A 197 -4.96 28.47 3.11
C VAL A 197 -3.67 28.30 2.32
N GLY A 198 -3.28 29.33 1.57
CA GLY A 198 -1.99 29.33 0.91
C GLY A 198 -2.01 30.13 -0.38
N ILE A 199 -1.34 31.28 -0.36
CA ILE A 199 -1.16 32.08 -1.57
C ILE A 199 0.33 32.26 -1.78
N GLY A 200 0.85 31.59 -2.80
CA GLY A 200 2.27 31.65 -3.10
C GLY A 200 3.30 30.70 -2.48
N PRO A 201 2.92 29.76 -1.58
CA PRO A 201 4.03 28.96 -1.04
C PRO A 201 4.43 27.72 -1.84
N GLY A 202 3.64 27.34 -2.85
CA GLY A 202 3.85 26.08 -3.54
C GLY A 202 5.22 25.90 -4.18
N SER A 203 5.72 24.66 -4.15
CA SER A 203 7.02 24.34 -4.72
C SER A 203 7.12 24.71 -6.20
N ILE A 204 5.99 24.62 -6.89
CA ILE A 204 5.97 24.86 -8.33
C ILE A 204 5.37 26.22 -8.63
N CYS A 205 5.21 27.04 -7.59
CA CYS A 205 4.49 28.30 -7.73
C CYS A 205 5.39 29.46 -8.14
N THR A 206 4.92 30.31 -9.06
CA THR A 206 5.63 31.55 -9.39
C THR A 206 4.80 32.81 -9.14
N THR A 207 3.65 32.66 -8.46
CA THR A 207 2.77 33.80 -8.13
C THR A 207 3.56 34.93 -7.49
N ARG A 208 4.44 34.59 -6.56
CA ARG A 208 5.16 35.63 -5.82
C ARG A 208 6.13 36.38 -6.73
N VAL A 209 6.68 35.68 -7.72
CA VAL A 209 7.63 36.30 -8.61
C VAL A 209 6.92 37.09 -9.71
N VAL A 210 5.83 36.52 -10.22
CA VAL A 210 5.11 37.11 -11.35
C VAL A 210 4.21 38.30 -10.93
N ALA A 211 3.51 38.11 -9.81
CA ALA A 211 2.51 39.07 -9.35
C ALA A 211 2.96 39.85 -8.12
N GLY A 212 3.98 39.34 -7.42
CA GLY A 212 4.54 40.05 -6.27
C GLY A 212 3.70 39.86 -5.01
N VAL A 213 2.81 38.87 -5.05
CA VAL A 213 1.79 38.68 -4.03
C VAL A 213 2.01 37.39 -3.24
N GLY A 214 1.79 37.46 -1.93
CA GLY A 214 1.78 36.25 -1.11
C GLY A 214 1.87 36.55 0.38
N VAL A 215 1.74 35.51 1.19
CA VAL A 215 1.90 35.63 2.64
C VAL A 215 2.70 34.41 3.10
N PRO A 216 3.82 34.64 3.81
CA PRO A 216 4.63 33.53 4.32
C PRO A 216 3.71 32.54 5.02
N GLN A 217 3.89 31.26 4.74
CA GLN A 217 2.80 30.31 4.93
C GLN A 217 2.43 30.06 6.39
N LEU A 218 3.42 30.08 7.29
CA LEU A 218 3.09 29.84 8.70
C LEU A 218 2.24 30.97 9.25
N THR A 219 2.61 32.21 8.94
CA THR A 219 1.76 33.36 9.28
C THR A 219 0.37 33.26 8.65
N ALA A 220 0.30 32.89 7.38
CA ALA A 220 -1.02 32.76 6.73
C ALA A 220 -1.91 31.78 7.51
N VAL A 221 -1.35 30.62 7.82
CA VAL A 221 -2.09 29.59 8.53
C VAL A 221 -2.56 30.10 9.90
N TYR A 222 -1.64 30.68 10.66
CA TYR A 222 -1.96 31.20 11.98
C TYR A 222 -3.04 32.31 11.95
N ASP A 223 -2.91 33.25 11.02
CA ASP A 223 -3.87 34.35 10.91
C ASP A 223 -5.26 33.80 10.55
N CYS A 224 -5.28 32.84 9.62
CA CYS A 224 -6.53 32.31 9.12
C CYS A 224 -7.16 31.43 10.17
N ALA A 225 -6.34 30.61 10.82
CA ALA A 225 -6.82 29.77 11.93
C ALA A 225 -7.38 30.62 13.06
N THR A 226 -6.74 31.75 13.36
CA THR A 226 -7.22 32.62 14.44
C THR A 226 -8.67 33.02 14.19
N GLU A 227 -8.97 33.36 12.94
CA GLU A 227 -10.33 33.71 12.58
C GLU A 227 -11.25 32.48 12.56
N ALA A 228 -10.83 31.44 11.87
CA ALA A 228 -11.68 30.26 11.69
C ALA A 228 -12.08 29.61 13.01
N ARG A 229 -11.14 29.58 13.97
N ARG A 229 -11.15 29.58 13.97
CA ARG A 229 -11.37 29.12 15.33
CA ARG A 229 -11.44 29.07 15.32
C ARG A 229 -12.60 29.74 15.96
C ARG A 229 -12.62 29.73 15.98
N LYS A 230 -12.80 31.03 15.72
CA LYS A 230 -13.95 31.75 16.25
C LYS A 230 -15.29 31.17 15.81
N HIS A 231 -15.29 30.45 14.69
CA HIS A 231 -16.51 29.88 14.13
C HIS A 231 -16.53 28.35 14.26
N GLY A 232 -15.51 27.78 14.90
CA GLY A 232 -15.36 26.34 14.93
C GLY A 232 -15.10 25.74 13.55
N ILE A 233 -14.44 26.49 12.68
CA ILE A 233 -14.16 26.03 11.32
C ILE A 233 -12.69 25.65 11.14
N PRO A 234 -12.42 24.48 10.53
CA PRO A 234 -11.03 24.06 10.34
C PRO A 234 -10.38 24.70 9.12
N VAL A 235 -9.07 24.84 9.15
CA VAL A 235 -8.33 25.26 7.96
C VAL A 235 -7.36 24.19 7.47
N ILE A 236 -7.10 24.21 6.17
CA ILE A 236 -6.18 23.28 5.54
C ILE A 236 -4.95 24.11 5.19
N ALA A 237 -3.77 23.67 5.63
CA ALA A 237 -2.51 24.34 5.26
C ALA A 237 -2.04 23.75 3.93
N ASP A 238 -2.17 24.52 2.86
CA ASP A 238 -1.93 24.04 1.50
C ASP A 238 -0.68 24.68 0.87
N GLY A 239 0.36 23.89 0.70
CA GLY A 239 1.51 24.32 -0.09
C GLY A 239 2.75 24.64 0.74
N GLY A 240 3.92 24.44 0.14
CA GLY A 240 5.15 24.87 0.77
C GLY A 240 5.79 23.84 1.68
N ILE A 241 5.12 22.72 1.90
CA ILE A 241 5.68 21.70 2.79
C ILE A 241 6.70 20.85 2.04
N LYS A 242 7.93 20.86 2.56
CA LYS A 242 9.05 20.19 1.89
C LYS A 242 9.57 18.98 2.66
N TYR A 243 9.34 18.98 3.96
CA TYR A 243 9.79 17.91 4.86
C TYR A 243 8.68 17.61 5.85
N SER A 244 8.71 16.43 6.46
CA SER A 244 7.70 16.05 7.44
C SER A 244 7.61 17.07 8.59
N GLY A 245 8.73 17.68 8.95
CA GLY A 245 8.71 18.67 10.03
C GLY A 245 7.91 19.90 9.67
N ASP A 246 7.85 20.25 8.39
CA ASP A 246 7.04 21.41 7.96
C ASP A 246 5.57 21.14 8.21
N MET A 247 5.17 19.89 7.99
CA MET A 247 3.79 19.51 8.28
C MET A 247 3.48 19.67 9.77
N VAL A 248 4.37 19.20 10.65
CA VAL A 248 4.19 19.42 12.08
C VAL A 248 4.01 20.91 12.41
N LYS A 249 4.86 21.73 11.82
CA LYS A 249 4.78 23.17 12.02
C LYS A 249 3.46 23.77 11.54
N ALA A 250 2.99 23.35 10.36
CA ALA A 250 1.70 23.84 9.84
C ALA A 250 0.53 23.49 10.76
N LEU A 251 0.51 22.26 11.29
CA LEU A 251 -0.56 21.83 12.16
C LEU A 251 -0.48 22.59 13.48
N ALA A 252 0.73 22.77 13.98
CA ALA A 252 0.95 23.52 15.22
C ALA A 252 0.62 25.01 15.06
N ALA A 253 0.71 25.51 13.84
CA ALA A 253 0.29 26.89 13.56
C ALA A 253 -1.22 27.03 13.49
N GLY A 254 -1.95 25.92 13.53
CA GLY A 254 -3.39 26.00 13.67
C GLY A 254 -4.21 25.23 12.64
N ALA A 255 -3.56 24.70 11.61
CA ALA A 255 -4.30 23.91 10.62
C ALA A 255 -4.77 22.57 11.19
N HIS A 256 -5.96 22.13 10.78
CA HIS A 256 -6.41 20.76 11.11
C HIS A 256 -5.67 19.72 10.28
N VAL A 257 -5.36 20.07 9.04
CA VAL A 257 -4.74 19.13 8.08
C VAL A 257 -3.88 19.90 7.11
N VAL A 258 -3.07 19.17 6.34
CA VAL A 258 -2.26 19.82 5.34
C VAL A 258 -2.56 19.24 3.97
N MET A 259 -2.28 20.01 2.93
CA MET A 259 -2.41 19.52 1.57
C MET A 259 -1.03 19.54 0.93
N LEU A 260 -0.68 18.46 0.24
CA LEU A 260 0.65 18.30 -0.33
C LEU A 260 0.59 18.06 -1.84
N GLY A 261 1.47 18.74 -2.57
CA GLY A 261 1.61 18.49 -3.99
C GLY A 261 2.94 17.77 -4.26
N SER A 262 4.04 18.49 -4.12
CA SER A 262 5.37 17.96 -4.42
C SER A 262 5.72 16.68 -3.66
N MET A 263 5.33 16.58 -2.40
CA MET A 263 5.67 15.37 -1.65
C MET A 263 4.93 14.13 -2.12
N PHE A 264 3.83 14.32 -2.84
CA PHE A 264 3.12 13.18 -3.41
C PHE A 264 3.37 12.98 -4.92
N ALA A 265 3.84 14.02 -5.60
CA ALA A 265 4.18 13.86 -7.01
C ALA A 265 5.26 12.81 -7.08
N GLY A 266 5.19 11.96 -8.08
CA GLY A 266 6.24 10.97 -8.21
C GLY A 266 6.03 9.65 -7.49
N VAL A 267 5.00 9.52 -6.67
CA VAL A 267 4.69 8.18 -6.13
C VAL A 267 3.94 7.40 -7.20
N ALA A 268 3.90 6.08 -7.05
CA ALA A 268 3.40 5.20 -8.11
C ALA A 268 1.97 5.52 -8.50
N GLU A 269 1.17 5.94 -7.53
CA GLU A 269 -0.26 6.13 -7.74
C GLU A 269 -0.63 7.52 -8.34
N SER A 270 0.34 8.41 -8.49
CA SER A 270 0.06 9.71 -9.08
C SER A 270 -0.16 9.52 -10.59
N PRO A 271 -0.90 10.44 -11.23
CA PRO A 271 -1.16 10.24 -12.66
C PRO A 271 0.13 10.51 -13.44
N GLY A 272 0.17 10.07 -14.69
CA GLY A 272 1.34 10.30 -15.50
C GLY A 272 2.27 9.11 -15.52
N GLU A 273 3.05 9.02 -16.59
CA GLU A 273 3.97 7.91 -16.76
C GLU A 273 5.28 8.18 -16.04
N THR A 274 5.95 7.11 -15.64
CA THR A 274 7.30 7.20 -15.12
C THR A 274 8.22 7.32 -16.33
N GLU A 275 9.04 8.36 -16.36
CA GLU A 275 9.97 8.53 -17.47
C GLU A 275 11.42 8.36 -17.03
N ILE A 276 12.22 7.79 -17.92
CA ILE A 276 13.58 7.41 -17.62
C ILE A 276 14.54 8.36 -18.31
N TYR A 277 15.43 8.98 -17.55
CA TYR A 277 16.50 9.76 -18.16
C TYR A 277 17.82 9.56 -17.44
N GLN A 278 18.85 9.21 -18.22
CA GLN A 278 20.14 8.71 -17.74
C GLN A 278 20.04 7.72 -16.58
N GLY A 279 19.21 6.71 -16.75
CA GLY A 279 19.10 5.62 -15.79
C GLY A 279 18.36 5.94 -14.50
N ARG A 280 17.62 7.04 -14.49
CA ARG A 280 16.84 7.40 -13.30
C ARG A 280 15.38 7.64 -13.66
N GLN A 281 14.50 7.30 -12.72
CA GLN A 281 13.07 7.39 -12.96
C GLN A 281 12.50 8.70 -12.42
N PHE A 282 11.82 9.42 -13.28
CA PHE A 282 11.21 10.69 -12.90
C PHE A 282 9.75 10.73 -13.29
N LYS A 283 8.99 11.56 -12.59
CA LYS A 283 7.64 11.89 -13.03
C LYS A 283 7.54 13.40 -13.17
N VAL A 284 6.66 13.82 -14.07
CA VAL A 284 6.38 15.24 -14.27
C VAL A 284 5.56 15.79 -13.12
N TYR A 285 5.94 16.97 -12.63
CA TYR A 285 5.14 17.68 -11.66
C TYR A 285 5.09 19.14 -12.11
N ARG A 286 3.88 19.70 -12.18
CA ARG A 286 3.72 21.05 -12.71
C ARG A 286 2.63 21.82 -12.00
N GLY A 287 2.79 23.14 -11.96
CA GLY A 287 1.75 24.00 -11.41
C GLY A 287 0.50 23.89 -12.28
N MET A 288 -0.67 24.07 -11.66
CA MET A 288 -1.90 24.09 -12.42
C MET A 288 -1.96 25.39 -13.21
N GLY A 289 -1.10 26.32 -12.84
CA GLY A 289 -1.00 27.60 -13.51
C GLY A 289 0.15 27.66 -14.50
N SER A 290 0.78 26.51 -14.76
CA SER A 290 1.83 26.42 -15.77
C SER A 290 1.22 26.39 -17.17
N VAL A 291 2.04 26.67 -18.18
CA VAL A 291 1.57 26.67 -19.57
C VAL A 291 0.85 25.39 -19.95
N GLY A 292 1.50 24.25 -19.68
CA GLY A 292 0.95 22.96 -20.06
C GLY A 292 -0.37 22.61 -19.40
N ALA A 293 -0.49 22.92 -18.12
CA ALA A 293 -1.71 22.59 -17.39
C ALA A 293 -2.86 23.47 -17.85
N MET A 294 -2.58 24.75 -18.08
CA MET A 294 -3.62 25.67 -18.52
C MET A 294 -4.12 25.34 -19.93
N GLU A 295 -3.24 24.73 -20.72
CA GLU A 295 -3.63 24.19 -22.03
C GLU A 295 -4.73 23.14 -21.85
N LYS A 296 -4.40 22.11 -21.06
CA LYS A 296 -5.31 20.99 -20.82
C LYS A 296 -6.57 21.45 -20.08
N LYS A 308 -4.42 41.32 -21.44
CA LYS A 308 -4.84 40.18 -22.26
C LYS A 308 -4.98 38.89 -21.43
N LYS A 309 -4.65 37.76 -22.06
CA LYS A 309 -4.78 36.45 -21.42
C LYS A 309 -3.78 36.30 -20.27
N LEU A 310 -4.13 35.45 -19.30
CA LEU A 310 -3.33 35.31 -18.08
C LEU A 310 -1.93 34.80 -18.37
N VAL A 311 -0.94 35.38 -17.68
CA VAL A 311 0.43 34.89 -17.77
C VAL A 311 0.55 33.73 -16.79
N PRO A 312 1.42 32.77 -17.09
CA PRO A 312 1.53 31.60 -16.19
C PRO A 312 1.96 31.98 -14.76
N GLU A 313 1.51 31.22 -13.77
CA GLU A 313 1.88 31.44 -12.37
C GLU A 313 2.43 30.17 -11.73
N GLY A 314 2.88 29.26 -12.58
CA GLY A 314 3.49 28.03 -12.10
C GLY A 314 4.47 27.51 -13.13
N ILE A 315 5.33 26.57 -12.74
CA ILE A 315 6.30 26.02 -13.68
C ILE A 315 6.07 24.53 -13.86
N GLU A 316 6.73 23.96 -14.86
N GLU A 316 6.70 23.93 -14.87
CA GLU A 316 6.67 22.54 -15.13
CA GLU A 316 6.59 22.49 -15.11
C GLU A 316 8.03 21.97 -14.75
C GLU A 316 7.94 21.79 -14.97
N GLY A 317 8.02 20.87 -14.01
CA GLY A 317 9.27 20.23 -13.67
C GLY A 317 9.18 18.71 -13.58
N ARG A 318 10.22 18.11 -13.03
CA ARG A 318 10.22 16.67 -12.79
C ARG A 318 10.68 16.41 -11.36
N VAL A 319 10.16 15.33 -10.79
CA VAL A 319 10.53 14.92 -9.45
C VAL A 319 10.97 13.48 -9.55
N PRO A 320 11.87 13.05 -8.65
CA PRO A 320 12.29 11.64 -8.64
C PRO A 320 11.12 10.73 -8.32
N TYR A 321 11.07 9.60 -9.01
CA TYR A 321 10.09 8.57 -8.71
C TYR A 321 10.32 8.06 -7.28
N LYS A 322 9.25 8.00 -6.49
CA LYS A 322 9.34 7.72 -5.06
C LYS A 322 8.87 6.31 -4.69
N GLY A 323 8.36 5.55 -5.66
CA GLY A 323 7.73 4.27 -5.35
C GLY A 323 6.31 4.47 -4.80
N PRO A 324 5.79 3.45 -4.11
CA PRO A 324 4.38 3.50 -3.67
C PRO A 324 4.08 4.60 -2.67
N LEU A 325 2.86 5.13 -2.74
CA LEU A 325 2.40 6.17 -1.81
C LEU A 325 2.60 5.77 -0.35
N ALA A 326 2.33 4.50 -0.04
CA ALA A 326 2.41 4.03 1.34
C ALA A 326 3.74 4.36 2.03
N ASP A 327 4.85 4.18 1.32
CA ASP A 327 6.18 4.40 1.88
C ASP A 327 6.39 5.86 2.23
N THR A 328 5.89 6.75 1.38
CA THR A 328 5.98 8.19 1.63
C THR A 328 5.08 8.62 2.79
N VAL A 329 3.86 8.09 2.84
CA VAL A 329 2.95 8.43 3.94
C VAL A 329 3.49 7.94 5.30
N HIS A 330 4.11 6.76 5.31
N HIS A 330 4.10 6.76 5.31
CA HIS A 330 4.65 6.21 6.55
CA HIS A 330 4.67 6.23 6.54
C HIS A 330 5.76 7.12 7.09
C HIS A 330 5.72 7.18 7.09
N GLN A 331 6.59 7.67 6.21
CA GLN A 331 7.63 8.60 6.63
C GLN A 331 7.05 9.91 7.14
N LEU A 332 6.04 10.43 6.45
CA LEU A 332 5.39 11.68 6.85
C LEU A 332 4.73 11.55 8.23
N VAL A 333 3.95 10.49 8.39
CA VAL A 333 3.19 10.32 9.63
C VAL A 333 4.14 10.01 10.76
N GLY A 334 5.20 9.25 10.44
CA GLY A 334 6.24 8.98 11.41
C GLY A 334 6.90 10.24 11.92
N GLY A 335 7.17 11.19 11.03
CA GLY A 335 7.74 12.47 11.43
C GLY A 335 6.81 13.27 12.32
N LEU A 336 5.52 13.28 11.96
CA LEU A 336 4.51 13.93 12.77
C LEU A 336 4.44 13.30 14.17
N ARG A 337 4.44 11.98 14.22
CA ARG A 337 4.39 11.28 15.51
C ARG A 337 5.56 11.68 16.42
N ALA A 338 6.75 11.80 15.84
CA ALA A 338 7.90 12.21 16.61
C ALA A 338 7.71 13.65 17.12
N GLY A 339 7.28 14.54 16.22
CA GLY A 339 7.07 15.94 16.57
C GLY A 339 6.06 16.11 17.70
N MET A 340 4.94 15.40 17.58
CA MET A 340 3.94 15.39 18.62
C MET A 340 4.48 14.87 19.95
N GLY A 341 5.25 13.79 19.90
CA GLY A 341 5.88 13.24 21.10
C GLY A 341 6.75 14.28 21.77
N TYR A 342 7.55 14.99 20.97
CA TYR A 342 8.44 16.02 21.49
C TYR A 342 7.66 17.16 22.13
N CYS A 343 6.48 17.45 21.57
CA CYS A 343 5.66 18.56 22.06
C CYS A 343 4.74 18.13 23.20
N GLY A 344 4.73 16.83 23.48
CA GLY A 344 3.84 16.28 24.47
C GLY A 344 2.38 16.32 24.02
N ALA A 345 2.16 16.27 22.71
CA ALA A 345 0.83 16.36 22.12
C ALA A 345 0.27 14.97 21.93
N GLN A 346 -0.67 14.56 22.77
CA GLN A 346 -1.26 13.24 22.63
C GLN A 346 -2.24 13.21 21.44
N ASP A 347 -2.68 14.39 21.01
CA ASP A 347 -3.53 14.51 19.82
C ASP A 347 -3.32 15.86 19.12
N LEU A 348 -3.90 15.99 17.95
CA LEU A 348 -3.70 17.19 17.13
C LEU A 348 -4.33 18.44 17.75
N GLU A 349 -5.45 18.27 18.44
CA GLU A 349 -6.05 19.43 19.11
C GLU A 349 -5.07 20.01 20.13
N PHE A 350 -4.37 19.15 20.87
CA PHE A 350 -3.38 19.66 21.83
C PHE A 350 -2.31 20.45 21.06
N LEU A 351 -1.86 19.90 19.94
CA LEU A 351 -0.80 20.55 19.19
C LEU A 351 -1.24 21.95 18.72
N ARG A 352 -2.40 22.03 18.09
CA ARG A 352 -2.90 23.32 17.59
C ARG A 352 -3.05 24.32 18.72
N GLU A 353 -3.60 23.86 19.84
CA GLU A 353 -3.93 24.76 20.94
C GLU A 353 -2.73 25.15 21.79
N ASN A 354 -1.76 24.26 21.94
CA ASN A 354 -0.72 24.45 22.94
C ASN A 354 0.73 24.55 22.45
N ALA A 355 1.06 24.01 21.29
CA ALA A 355 2.46 23.97 20.89
C ALA A 355 3.03 25.37 20.66
N GLN A 356 4.28 25.57 21.06
CA GLN A 356 4.93 26.87 20.98
C GLN A 356 6.12 26.81 20.02
N PHE A 357 6.36 27.92 19.32
CA PHE A 357 7.48 28.00 18.40
C PHE A 357 8.57 28.89 18.98
N ILE A 358 9.77 28.78 18.43
CA ILE A 358 10.83 29.72 18.72
C ILE A 358 11.38 30.15 17.37
N ARG A 359 11.53 31.46 17.20
CA ARG A 359 12.02 32.03 15.94
C ARG A 359 13.53 31.96 15.84
N MET A 360 14.02 31.72 14.63
CA MET A 360 15.46 31.62 14.42
C MET A 360 15.90 32.35 13.17
N SER A 361 17.20 32.58 13.05
CA SER A 361 17.77 33.23 11.87
C SER A 361 18.21 32.19 10.83
N GLY A 362 18.76 32.66 9.73
CA GLY A 362 19.35 31.76 8.75
C GLY A 362 20.42 30.88 9.36
N ALA A 363 21.15 31.42 10.34
CA ALA A 363 22.14 30.62 11.06
C ALA A 363 21.45 29.49 11.81
N GLY A 364 20.28 29.80 12.37
CA GLY A 364 19.49 28.81 13.07
C GLY A 364 19.15 27.67 12.13
N LEU A 365 18.70 28.04 10.93
CA LEU A 365 18.34 27.07 9.89
C LEU A 365 19.52 26.16 9.53
N LEU A 366 20.69 26.76 9.33
CA LEU A 366 21.89 25.98 9.01
C LEU A 366 22.26 24.94 10.09
N GLU A 367 22.06 25.30 11.35
CA GLU A 367 22.26 24.38 12.47
C GLU A 367 21.22 23.25 12.44
N SER A 368 20.04 23.57 11.88
CA SER A 368 18.88 22.69 11.93
C SER A 368 18.81 21.64 10.80
N HIS A 369 19.83 21.63 9.95
CA HIS A 369 20.00 20.56 8.96
C HIS A 369 21.36 19.94 9.23
N PRO A 370 21.58 18.70 8.76
CA PRO A 370 22.92 18.10 8.87
C PRO A 370 23.97 19.05 8.32
N HIS A 371 25.10 19.16 8.99
CA HIS A 371 26.12 20.13 8.60
C HIS A 371 27.53 19.62 8.87
N HIS A 372 28.46 20.00 8.01
CA HIS A 372 29.88 19.64 8.14
C HIS A 372 30.20 18.14 8.13
N VAL A 373 29.25 17.33 7.67
CA VAL A 373 29.48 15.90 7.49
C VAL A 373 29.03 15.47 6.09
N GLN A 374 29.85 14.68 5.41
CA GLN A 374 29.51 14.22 4.06
C GLN A 374 28.59 13.01 4.08
N ILE A 375 27.31 13.24 3.82
CA ILE A 375 26.30 12.17 3.84
C ILE A 375 26.59 11.10 2.78
N THR A 376 26.59 9.84 3.20
CA THR A 376 26.96 8.75 2.30
C THR A 376 25.76 7.90 1.89
N LYS A 377 24.71 7.94 2.71
CA LYS A 377 23.47 7.25 2.37
C LYS A 377 22.33 8.23 2.53
N GLU A 378 21.41 8.25 1.56
CA GLU A 378 20.22 9.06 1.71
C GLU A 378 19.22 8.34 2.61
N ALA A 379 18.65 9.08 3.56
CA ALA A 379 17.69 8.53 4.50
C ALA A 379 16.30 8.50 3.86
N PRO A 380 15.41 7.62 4.37
CA PRO A 380 14.03 7.58 3.84
C PRO A 380 13.26 8.89 4.09
N ASN A 381 13.72 9.71 5.04
CA ASN A 381 13.03 10.96 5.35
C ASN A 381 13.89 12.23 5.23
N TYR A 382 14.99 12.15 4.46
CA TYR A 382 15.83 13.32 4.19
C TYR A 382 16.47 13.25 2.81
N ASN B 23 -15.72 -30.55 30.92
CA ASN B 23 -15.71 -31.48 29.79
C ASN B 23 -15.77 -30.74 28.44
N ALA B 24 -15.25 -29.52 28.40
CA ALA B 24 -15.41 -28.65 27.24
C ALA B 24 -14.78 -29.20 25.96
N MET B 25 -13.53 -29.64 26.06
CA MET B 25 -12.80 -30.13 24.88
C MET B 25 -13.41 -31.43 24.34
N TRP B 26 -13.92 -32.29 25.22
CA TRP B 26 -14.59 -33.50 24.77
C TRP B 26 -15.79 -33.18 23.87
N GLU B 27 -16.59 -32.21 24.30
CA GLU B 27 -17.83 -31.85 23.61
C GLU B 27 -17.61 -31.13 22.27
N SER B 28 -16.48 -30.43 22.12
CA SER B 28 -16.25 -29.65 20.91
C SER B 28 -15.50 -30.39 19.80
N LYS B 29 -15.19 -31.67 20.02
CA LYS B 29 -14.33 -32.42 19.08
C LYS B 29 -14.74 -32.32 17.62
N PHE B 30 -16.04 -32.37 17.35
CA PHE B 30 -16.54 -32.42 15.99
C PHE B 30 -17.28 -31.16 15.54
N VAL B 31 -17.12 -30.06 16.24
CA VAL B 31 -17.93 -28.88 15.88
C VAL B 31 -17.42 -28.12 14.64
N LYS B 32 -16.10 -28.01 14.48
CA LYS B 32 -15.54 -27.22 13.38
C LYS B 32 -15.82 -27.82 12.00
N GLU B 33 -16.02 -26.94 11.03
N GLU B 33 -15.99 -26.94 11.02
CA GLU B 33 -16.18 -27.32 9.64
CA GLU B 33 -16.19 -27.36 9.64
C GLU B 33 -15.16 -26.56 8.82
C GLU B 33 -15.31 -26.52 8.72
N GLY B 34 -14.67 -27.16 7.73
CA GLY B 34 -13.73 -26.49 6.87
C GLY B 34 -14.02 -26.64 5.39
N LEU B 35 -13.60 -25.65 4.61
CA LEU B 35 -13.81 -25.63 3.18
C LEU B 35 -12.48 -25.65 2.44
N THR B 36 -12.48 -26.30 1.27
CA THR B 36 -11.31 -26.28 0.40
C THR B 36 -11.68 -25.56 -0.90
N PHE B 37 -10.72 -25.43 -1.82
CA PHE B 37 -10.91 -24.69 -3.06
C PHE B 37 -12.14 -25.15 -3.83
N ASP B 38 -12.28 -26.47 -3.96
CA ASP B 38 -13.35 -27.03 -4.77
C ASP B 38 -14.74 -26.92 -4.14
N ASP B 39 -14.82 -26.47 -2.89
CA ASP B 39 -16.11 -26.30 -2.23
C ASP B 39 -16.84 -25.01 -2.60
N VAL B 40 -16.15 -24.08 -3.26
CA VAL B 40 -16.71 -22.72 -3.44
C VAL B 40 -16.39 -22.14 -4.82
N LEU B 41 -17.14 -21.09 -5.17
CA LEU B 41 -16.85 -20.22 -6.31
C LEU B 41 -16.89 -18.78 -5.84
N LEU B 42 -16.19 -17.92 -6.55
CA LEU B 42 -16.30 -16.47 -6.30
C LEU B 42 -17.51 -15.90 -7.02
N VAL B 43 -18.27 -15.06 -6.30
CA VAL B 43 -19.48 -14.46 -6.84
C VAL B 43 -19.12 -13.24 -7.66
N PRO B 44 -19.56 -13.19 -8.91
CA PRO B 44 -19.34 -12.00 -9.74
C PRO B 44 -19.97 -10.78 -9.08
N ALA B 45 -19.34 -9.61 -9.24
CA ALA B 45 -19.81 -8.39 -8.60
C ALA B 45 -19.70 -7.24 -9.59
N LYS B 46 -20.30 -6.09 -9.26
CA LYS B 46 -20.28 -4.95 -10.16
C LYS B 46 -18.83 -4.62 -10.45
N SER B 47 -18.51 -4.41 -11.71
CA SER B 47 -17.14 -4.18 -12.10
C SER B 47 -17.02 -3.15 -13.19
N ASP B 48 -16.00 -2.30 -13.06
N ASP B 48 -16.05 -2.26 -13.08
CA ASP B 48 -15.66 -1.32 -14.07
CA ASP B 48 -15.64 -1.50 -14.25
C ASP B 48 -14.20 -1.48 -14.52
C ASP B 48 -14.15 -1.42 -14.33
N VAL B 49 -13.56 -2.57 -14.13
CA VAL B 49 -12.16 -2.75 -14.42
C VAL B 49 -12.04 -3.92 -15.40
N LEU B 50 -11.23 -3.73 -16.42
CA LEU B 50 -10.92 -4.79 -17.35
C LEU B 50 -9.76 -5.57 -16.77
N PRO B 51 -9.70 -6.88 -17.07
CA PRO B 51 -8.59 -7.71 -16.61
C PRO B 51 -7.21 -7.07 -16.94
N ARG B 52 -7.07 -6.45 -18.10
CA ARG B 52 -5.77 -5.85 -18.45
C ARG B 52 -5.41 -4.64 -17.55
N GLU B 53 -6.42 -4.04 -16.93
CA GLU B 53 -6.22 -2.83 -16.10
C GLU B 53 -5.94 -3.07 -14.60
N VAL B 54 -6.09 -4.31 -14.13
CA VAL B 54 -5.96 -4.53 -12.68
C VAL B 54 -4.50 -4.52 -12.22
N SER B 55 -4.26 -4.14 -10.97
CA SER B 55 -2.92 -4.26 -10.39
C SER B 55 -2.81 -5.58 -9.66
N VAL B 56 -1.79 -6.36 -9.96
CA VAL B 56 -1.57 -7.61 -9.23
C VAL B 56 -0.39 -7.51 -8.26
N LYS B 57 0.06 -6.29 -7.98
CA LYS B 57 1.13 -6.06 -7.02
C LYS B 57 0.69 -6.38 -5.59
N THR B 58 1.66 -6.74 -4.75
CA THR B 58 1.36 -7.04 -3.34
C THR B 58 2.58 -6.72 -2.47
N VAL B 59 2.33 -6.18 -1.28
CA VAL B 59 3.41 -5.77 -0.39
C VAL B 59 3.41 -6.73 0.80
N LEU B 60 4.48 -7.50 0.93
CA LEU B 60 4.62 -8.36 2.11
C LEU B 60 5.19 -7.57 3.29
N SER B 61 6.14 -6.69 2.98
CA SER B 61 6.66 -5.74 3.95
C SER B 61 7.24 -4.59 3.14
N GLU B 62 7.67 -3.54 3.81
CA GLU B 62 8.20 -2.40 3.06
C GLU B 62 9.45 -2.80 2.27
N SER B 63 10.16 -3.83 2.73
CA SER B 63 11.38 -4.26 2.06
C SER B 63 11.15 -5.52 1.23
N LEU B 64 9.90 -5.91 1.03
CA LEU B 64 9.58 -7.12 0.29
C LEU B 64 8.31 -6.88 -0.50
N GLN B 65 8.45 -6.19 -1.62
CA GLN B 65 7.31 -5.81 -2.45
C GLN B 65 7.35 -6.56 -3.76
N LEU B 66 6.30 -7.35 -4.03
CA LEU B 66 6.22 -8.20 -5.22
C LEU B 66 5.32 -7.59 -6.28
N ASN B 67 5.72 -7.69 -7.53
CA ASN B 67 4.86 -7.25 -8.62
C ASN B 67 3.79 -8.27 -9.05
N ILE B 68 3.99 -9.54 -8.72
CA ILE B 68 2.92 -10.54 -8.89
C ILE B 68 2.88 -11.39 -7.63
N PRO B 69 1.69 -11.96 -7.30
CA PRO B 69 1.56 -12.55 -5.97
C PRO B 69 1.92 -14.05 -5.92
N LEU B 70 3.11 -14.38 -6.43
CA LEU B 70 3.52 -15.77 -6.59
C LEU B 70 4.89 -16.01 -5.97
N ILE B 71 5.00 -17.08 -5.18
CA ILE B 71 6.26 -17.50 -4.61
C ILE B 71 6.48 -18.99 -4.97
N SER B 72 7.68 -19.34 -5.43
CA SER B 72 7.98 -20.75 -5.70
C SER B 72 8.44 -21.44 -4.42
N ALA B 73 7.90 -22.64 -4.17
CA ALA B 73 8.16 -23.41 -2.94
C ALA B 73 9.63 -23.68 -2.68
N GLY B 74 10.01 -23.61 -1.40
CA GLY B 74 11.34 -24.02 -0.97
C GLY B 74 11.50 -25.54 -1.01
N MET B 75 11.55 -26.11 -2.21
CA MET B 75 11.62 -27.56 -2.36
C MET B 75 12.76 -27.94 -3.30
N ASP B 76 13.37 -29.11 -3.07
CA ASP B 76 14.54 -29.48 -3.88
C ASP B 76 14.21 -29.90 -5.30
N THR B 77 12.93 -29.93 -5.65
CA THR B 77 12.56 -30.18 -7.02
C THR B 77 11.81 -28.99 -7.60
N VAL B 78 11.87 -27.85 -6.91
CA VAL B 78 11.20 -26.65 -7.37
C VAL B 78 12.13 -25.45 -7.46
N THR B 79 12.85 -25.13 -6.37
CA THR B 79 13.56 -23.86 -6.34
C THR B 79 15.03 -23.90 -5.92
N GLU B 80 15.90 -23.64 -6.90
CA GLU B 80 17.27 -23.24 -6.60
C GLU B 80 17.49 -21.92 -7.32
N ALA B 81 18.74 -21.48 -7.47
CA ALA B 81 19.04 -20.14 -7.97
C ALA B 81 18.35 -19.79 -9.29
N ASP B 82 18.39 -20.71 -10.25
CA ASP B 82 17.81 -20.45 -11.56
C ASP B 82 16.33 -20.15 -11.46
N MET B 83 15.59 -20.95 -10.69
CA MET B 83 14.18 -20.70 -10.46
C MET B 83 13.96 -19.36 -9.76
N ALA B 84 14.76 -19.07 -8.74
CA ALA B 84 14.59 -17.83 -7.98
C ALA B 84 14.80 -16.61 -8.87
N ILE B 85 15.82 -16.69 -9.72
CA ILE B 85 16.12 -15.63 -10.68
C ILE B 85 14.94 -15.42 -11.64
N ALA B 86 14.47 -16.51 -12.22
CA ALA B 86 13.35 -16.45 -13.15
C ALA B 86 12.09 -15.90 -12.48
N MET B 87 11.79 -16.38 -11.27
CA MET B 87 10.63 -15.89 -10.52
C MET B 87 10.71 -14.39 -10.26
N ALA B 88 11.89 -13.95 -9.81
CA ALA B 88 12.07 -12.54 -9.47
C ALA B 88 11.98 -11.64 -10.72
N ARG B 89 12.52 -12.11 -11.84
CA ARG B 89 12.39 -11.35 -13.09
C ARG B 89 10.93 -11.20 -13.49
N GLN B 90 10.10 -12.17 -13.14
CA GLN B 90 8.65 -12.11 -13.45
C GLN B 90 7.87 -11.25 -12.45
N GLY B 91 8.53 -10.82 -11.38
CA GLY B 91 7.88 -10.00 -10.36
C GLY B 91 7.50 -10.75 -9.10
N GLY B 92 7.82 -12.05 -9.06
CA GLY B 92 7.54 -12.88 -7.90
C GLY B 92 8.77 -13.13 -7.03
N LEU B 93 8.79 -14.28 -6.35
CA LEU B 93 9.85 -14.57 -5.38
C LEU B 93 10.13 -16.07 -5.35
N GLY B 94 11.41 -16.42 -5.31
CA GLY B 94 11.79 -17.81 -5.11
C GLY B 94 12.35 -18.04 -3.73
N ILE B 95 12.01 -19.17 -3.11
CA ILE B 95 12.65 -19.57 -1.86
C ILE B 95 13.65 -20.70 -2.13
N ILE B 96 14.95 -20.41 -2.01
CA ILE B 96 15.97 -21.45 -2.10
C ILE B 96 15.80 -22.48 -0.98
N HIS B 97 15.68 -23.75 -1.35
CA HIS B 97 15.43 -24.83 -0.38
C HIS B 97 16.67 -25.07 0.48
N LYS B 98 16.48 -25.76 1.60
CA LYS B 98 17.53 -25.89 2.59
C LYS B 98 18.25 -27.23 2.54
N ASN B 99 17.96 -28.05 1.53
CA ASN B 99 18.64 -29.34 1.39
C ASN B 99 19.97 -29.23 0.65
N MET B 100 20.84 -28.40 1.20
CA MET B 100 22.18 -28.20 0.68
C MET B 100 22.97 -27.61 1.83
N SER B 101 24.29 -27.59 1.73
CA SER B 101 25.13 -27.03 2.78
C SER B 101 24.83 -25.55 2.97
N ILE B 102 25.26 -25.02 4.11
CA ILE B 102 25.15 -23.59 4.37
C ILE B 102 25.89 -22.80 3.31
N GLU B 103 27.10 -23.22 3.00
CA GLU B 103 27.90 -22.50 2.01
C GLU B 103 27.22 -22.50 0.64
N GLN B 104 26.68 -23.64 0.24
CA GLN B 104 26.00 -23.74 -1.05
C GLN B 104 24.77 -22.85 -1.10
N GLN B 105 24.02 -22.78 -0.01
CA GLN B 105 22.80 -21.96 0.00
C GLN B 105 23.13 -20.47 -0.04
N ALA B 106 24.17 -20.07 0.67
CA ALA B 106 24.58 -18.68 0.67
C ALA B 106 25.04 -18.31 -0.72
N GLU B 107 25.70 -19.24 -1.40
N GLU B 107 25.72 -19.24 -1.37
CA GLU B 107 26.22 -18.99 -2.74
CA GLU B 107 26.22 -19.06 -2.74
C GLU B 107 25.11 -18.95 -3.80
C GLU B 107 25.06 -18.86 -3.70
N GLN B 108 24.03 -19.69 -3.59
CA GLN B 108 22.87 -19.57 -4.44
C GLN B 108 22.18 -18.20 -4.25
N VAL B 109 22.08 -17.76 -3.00
CA VAL B 109 21.50 -16.46 -2.70
C VAL B 109 22.31 -15.35 -3.38
N ASP B 110 23.63 -15.41 -3.20
CA ASP B 110 24.54 -14.44 -3.80
C ASP B 110 24.34 -14.40 -5.32
N LYS B 111 24.22 -15.57 -5.92
CA LYS B 111 24.03 -15.69 -7.36
C LYS B 111 22.79 -14.91 -7.81
N VAL B 112 21.71 -15.04 -7.05
CA VAL B 112 20.49 -14.30 -7.37
C VAL B 112 20.70 -12.80 -7.20
N LYS B 113 21.28 -12.39 -6.07
CA LYS B 113 21.50 -10.96 -5.84
C LYS B 113 22.36 -10.29 -6.91
N ARG B 114 23.39 -10.97 -7.41
N ARG B 114 23.37 -11.01 -7.40
CA ARG B 114 24.23 -10.32 -8.41
CA ARG B 114 24.27 -10.49 -8.43
C ARG B 114 23.62 -10.39 -9.83
C ARG B 114 23.58 -10.31 -9.78
N SER B 115 22.42 -10.95 -9.94
CA SER B 115 21.69 -10.96 -11.23
C SER B 115 20.90 -9.68 -11.50
N GLY B 116 21.02 -8.71 -10.60
CA GLY B 116 20.34 -7.44 -10.78
C GLY B 116 19.62 -7.05 -9.52
N GLY B 117 18.62 -6.20 -9.62
CA GLY B 117 17.84 -5.84 -8.45
C GLY B 117 16.82 -6.90 -8.07
N LEU B 118 17.27 -8.14 -7.85
CA LEU B 118 16.32 -9.25 -7.67
C LEU B 118 16.19 -9.70 -6.23
N LEU B 119 14.94 -9.82 -5.79
CA LEU B 119 14.61 -10.33 -4.47
C LEU B 119 14.81 -11.83 -4.40
N VAL B 120 15.13 -12.33 -3.21
CA VAL B 120 15.29 -13.77 -3.01
C VAL B 120 15.10 -14.15 -1.55
N GLY B 121 14.48 -15.31 -1.32
CA GLY B 121 14.35 -15.86 0.01
C GLY B 121 15.04 -17.21 0.14
N ALA B 122 15.23 -17.67 1.37
CA ALA B 122 15.91 -18.93 1.59
C ALA B 122 15.30 -19.63 2.80
N ALA B 123 15.09 -20.94 2.67
CA ALA B 123 14.50 -21.73 3.75
C ALA B 123 15.55 -22.12 4.80
N VAL B 124 15.11 -22.11 6.06
CA VAL B 124 15.95 -22.50 7.18
C VAL B 124 15.11 -23.38 8.11
N GLY B 125 15.68 -24.48 8.57
CA GLY B 125 14.96 -25.39 9.44
C GLY B 125 15.21 -25.03 10.89
N VAL B 126 14.39 -25.53 11.78
CA VAL B 126 14.58 -25.26 13.20
C VAL B 126 15.53 -26.28 13.79
N THR B 127 16.83 -25.96 13.73
CA THR B 127 17.88 -26.86 14.17
C THR B 127 18.91 -26.08 14.96
N ALA B 128 19.88 -26.80 15.51
CA ALA B 128 20.96 -26.20 16.26
C ALA B 128 21.73 -25.19 15.42
N ASP B 129 22.03 -25.56 14.18
CA ASP B 129 22.85 -24.72 13.32
C ASP B 129 22.05 -23.65 12.56
N ALA B 130 20.82 -23.39 13.00
CA ALA B 130 19.95 -22.47 12.25
C ALA B 130 20.49 -21.05 12.19
N MET B 131 21.03 -20.54 13.30
CA MET B 131 21.58 -19.20 13.32
C MET B 131 22.81 -19.11 12.43
N THR B 132 23.63 -20.15 12.46
CA THR B 132 24.81 -20.20 11.59
C THR B 132 24.41 -20.10 10.10
N ARG B 133 23.38 -20.85 9.72
CA ARG B 133 22.89 -20.77 8.34
C ARG B 133 22.36 -19.36 8.04
N ILE B 134 21.55 -18.84 8.96
CA ILE B 134 20.97 -17.52 8.77
C ILE B 134 22.03 -16.43 8.67
N ASP B 135 23.05 -16.52 9.53
CA ASP B 135 24.18 -15.59 9.47
C ASP B 135 24.74 -15.53 8.06
N ALA B 136 24.94 -16.70 7.45
CA ALA B 136 25.53 -16.76 6.12
C ALA B 136 24.61 -16.22 5.04
N LEU B 137 23.31 -16.46 5.19
CA LEU B 137 22.36 -15.99 4.20
C LEU B 137 22.25 -14.47 4.27
N VAL B 138 22.25 -13.95 5.50
CA VAL B 138 22.19 -12.51 5.72
C VAL B 138 23.42 -11.82 5.15
N LYS B 139 24.59 -12.42 5.35
CA LYS B 139 25.82 -11.89 4.78
C LYS B 139 25.76 -11.86 3.24
N ALA B 140 24.99 -12.77 2.65
CA ALA B 140 24.80 -12.79 1.21
C ALA B 140 23.64 -11.92 0.76
N SER B 141 23.10 -11.13 1.68
CA SER B 141 22.01 -10.18 1.39
C SER B 141 20.69 -10.83 0.98
N VAL B 142 20.32 -11.92 1.64
CA VAL B 142 19.01 -12.52 1.40
C VAL B 142 17.92 -11.51 1.79
N ASP B 143 16.78 -11.52 1.09
CA ASP B 143 15.69 -10.60 1.44
C ASP B 143 14.72 -11.13 2.47
N ALA B 144 14.58 -12.45 2.53
CA ALA B 144 13.72 -13.07 3.53
C ALA B 144 14.24 -14.45 3.92
N ILE B 145 14.05 -14.78 5.20
CA ILE B 145 14.30 -16.13 5.71
C ILE B 145 12.95 -16.79 5.86
N VAL B 146 12.82 -18.03 5.40
CA VAL B 146 11.61 -18.80 5.67
C VAL B 146 11.98 -19.84 6.71
N LEU B 147 11.45 -19.67 7.91
CA LEU B 147 11.61 -20.70 8.92
C LEU B 147 10.60 -21.77 8.56
N ASP B 148 11.09 -22.81 7.88
CA ASP B 148 10.18 -23.76 7.25
C ASP B 148 10.11 -25.05 8.04
N THR B 149 8.93 -25.30 8.62
CA THR B 149 8.74 -26.48 9.46
C THR B 149 7.41 -27.14 9.12
N ALA B 150 7.32 -28.43 9.41
CA ALA B 150 6.06 -29.15 9.23
C ALA B 150 4.99 -28.62 10.17
N HIS B 151 5.40 -28.22 11.38
CA HIS B 151 4.45 -27.79 12.42
C HIS B 151 4.93 -26.50 13.10
N GLY B 152 4.56 -25.36 12.53
CA GLY B 152 4.97 -24.05 13.04
C GLY B 152 4.45 -23.66 14.41
N HIS B 153 3.39 -24.31 14.88
CA HIS B 153 2.84 -24.00 16.20
C HIS B 153 3.60 -24.73 17.34
N SER B 154 4.90 -24.50 17.41
CA SER B 154 5.72 -25.10 18.46
C SER B 154 6.37 -23.99 19.26
N GLN B 155 6.71 -24.25 20.52
CA GLN B 155 7.50 -23.27 21.25
C GLN B 155 8.89 -23.30 20.65
N GLY B 156 9.27 -24.44 20.09
CA GLY B 156 10.57 -24.57 19.45
C GLY B 156 10.71 -23.64 18.26
N VAL B 157 9.62 -23.48 17.52
CA VAL B 157 9.60 -22.58 16.37
C VAL B 157 9.47 -21.14 16.85
N ILE B 158 8.57 -20.93 17.81
CA ILE B 158 8.40 -19.62 18.46
C ILE B 158 9.70 -19.08 19.06
N ASP B 159 10.43 -19.94 19.76
CA ASP B 159 11.70 -19.54 20.36
C ASP B 159 12.73 -19.15 19.29
N LYS B 160 12.77 -19.95 18.21
CA LYS B 160 13.73 -19.69 17.13
C LYS B 160 13.39 -18.37 16.44
N VAL B 161 12.12 -18.15 16.18
CA VAL B 161 11.69 -16.85 15.64
C VAL B 161 12.11 -15.71 16.55
N LYS B 162 11.87 -15.84 17.85
CA LYS B 162 12.28 -14.81 18.80
C LYS B 162 13.78 -14.54 18.72
N GLU B 163 14.54 -15.62 18.64
CA GLU B 163 16.00 -15.54 18.60
C GLU B 163 16.49 -14.79 17.35
N VAL B 164 15.94 -15.17 16.19
CA VAL B 164 16.31 -14.52 14.94
C VAL B 164 15.93 -13.03 14.94
N ARG B 165 14.72 -12.74 15.39
CA ARG B 165 14.21 -11.36 15.44
C ARG B 165 15.07 -10.50 16.37
N ALA B 166 15.50 -11.07 17.49
CA ALA B 166 16.39 -10.36 18.41
C ALA B 166 17.73 -10.01 17.76
N LYS B 167 18.29 -10.95 16.99
CA LYS B 167 19.58 -10.70 16.36
C LYS B 167 19.48 -9.82 15.10
N TYR B 168 18.38 -9.96 14.36
CA TYR B 168 18.19 -9.22 13.11
C TYR B 168 16.85 -8.49 13.07
N PRO B 169 16.80 -7.28 13.66
CA PRO B 169 15.51 -6.59 13.86
C PRO B 169 14.77 -6.23 12.58
N SER B 170 15.48 -6.03 11.47
CA SER B 170 14.77 -5.62 10.25
C SER B 170 14.71 -6.71 9.18
N LEU B 171 15.18 -7.91 9.51
CA LEU B 171 15.13 -9.03 8.58
C LEU B 171 13.68 -9.52 8.39
N ASN B 172 13.29 -9.73 7.14
CA ASN B 172 11.98 -10.33 6.85
C ASN B 172 12.01 -11.79 7.27
N ILE B 173 11.15 -12.13 8.21
CA ILE B 173 11.05 -13.49 8.72
C ILE B 173 9.69 -14.04 8.34
N ILE B 174 9.70 -15.04 7.46
CA ILE B 174 8.49 -15.76 7.10
C ILE B 174 8.48 -17.05 7.92
N ALA B 175 7.46 -17.23 8.76
CA ALA B 175 7.38 -18.43 9.62
C ALA B 175 6.14 -19.28 9.33
N GLY B 176 6.32 -20.60 9.39
CA GLY B 176 5.22 -21.53 9.12
C GLY B 176 5.72 -22.96 9.23
N ASN B 177 4.87 -23.93 8.90
CA ASN B 177 3.50 -23.67 8.46
C ASN B 177 2.49 -23.83 9.57
N VAL B 178 1.40 -23.07 9.46
CA VAL B 178 0.34 -23.12 10.45
C VAL B 178 -1.01 -23.18 9.74
N ALA B 179 -2.05 -23.47 10.50
CA ALA B 179 -3.37 -23.58 9.90
C ALA B 179 -4.47 -23.05 10.82
N THR B 180 -4.08 -22.40 11.92
CA THR B 180 -5.06 -21.85 12.87
C THR B 180 -4.73 -20.41 13.29
N ALA B 181 -5.76 -19.71 13.74
CA ALA B 181 -5.61 -18.37 14.28
C ALA B 181 -4.67 -18.31 15.48
N GLU B 182 -4.79 -19.27 16.40
N GLU B 182 -4.80 -19.28 16.40
CA GLU B 182 -3.94 -19.27 17.58
CA GLU B 182 -3.94 -19.34 17.59
C GLU B 182 -2.45 -19.41 17.23
C GLU B 182 -2.46 -19.39 17.20
N ALA B 183 -2.13 -20.31 16.28
CA ALA B 183 -0.76 -20.45 15.80
C ALA B 183 -0.26 -19.17 15.13
N THR B 184 -1.11 -18.56 14.33
CA THR B 184 -0.78 -17.31 13.64
C THR B 184 -0.43 -16.20 14.65
N LYS B 185 -1.28 -16.05 15.65
CA LYS B 185 -1.04 -15.10 16.72
C LYS B 185 0.29 -15.35 17.42
N ALA B 186 0.57 -16.62 17.71
CA ALA B 186 1.82 -16.98 18.38
C ALA B 186 3.06 -16.59 17.58
N LEU B 187 3.04 -16.89 16.28
CA LEU B 187 4.20 -16.56 15.44
C LEU B 187 4.40 -15.05 15.28
N ILE B 188 3.29 -14.33 15.18
CA ILE B 188 3.34 -12.87 15.03
C ILE B 188 3.89 -12.24 16.31
N GLU B 189 3.38 -12.68 17.45
CA GLU B 189 3.86 -12.16 18.71
C GLU B 189 5.34 -12.51 18.93
N ALA B 190 5.80 -13.60 18.32
CA ALA B 190 7.20 -13.99 18.43
C ALA B 190 8.11 -13.15 17.55
N GLY B 191 7.53 -12.48 16.55
CA GLY B 191 8.30 -11.57 15.73
C GLY B 191 8.27 -11.81 14.23
N ALA B 192 7.53 -12.84 13.80
CA ALA B 192 7.44 -13.12 12.37
C ALA B 192 6.64 -12.02 11.71
N ASN B 193 7.08 -11.52 10.57
CA ASN B 193 6.30 -10.47 9.91
C ASN B 193 5.51 -10.94 8.69
N VAL B 194 5.65 -12.23 8.39
CA VAL B 194 4.82 -12.91 7.39
C VAL B 194 4.56 -14.31 7.91
N VAL B 195 3.31 -14.77 7.81
CA VAL B 195 2.98 -16.12 8.26
C VAL B 195 2.60 -17.00 7.08
N LYS B 196 3.13 -18.23 7.05
CA LYS B 196 2.85 -19.13 5.93
C LYS B 196 1.86 -20.22 6.35
N VAL B 197 0.80 -20.38 5.56
CA VAL B 197 -0.37 -21.15 5.93
C VAL B 197 -0.53 -22.41 5.07
N GLY B 198 -0.65 -23.57 5.72
CA GLY B 198 -0.95 -24.79 5.00
C GLY B 198 -0.43 -26.00 5.74
N ILE B 199 -1.36 -26.81 6.27
CA ILE B 199 -0.99 -28.09 6.88
C ILE B 199 -1.81 -29.15 6.17
N GLY B 200 -1.14 -29.93 5.33
CA GLY B 200 -1.80 -30.99 4.58
C GLY B 200 -2.37 -30.81 3.17
N PRO B 201 -2.35 -29.58 2.58
CA PRO B 201 -3.04 -29.54 1.29
C PRO B 201 -2.18 -29.86 0.06
N GLY B 202 -0.86 -29.96 0.24
CA GLY B 202 0.06 -30.12 -0.88
C GLY B 202 -0.25 -31.32 -1.77
N SER B 203 -0.07 -31.13 -3.08
CA SER B 203 -0.27 -32.18 -4.06
C SER B 203 0.51 -33.45 -3.75
N ILE B 204 1.72 -33.30 -3.20
CA ILE B 204 2.60 -34.44 -2.91
C ILE B 204 2.58 -34.81 -1.42
N CYS B 205 1.62 -34.23 -0.70
CA CYS B 205 1.58 -34.37 0.75
C CYS B 205 0.79 -35.63 1.18
N THR B 206 1.31 -36.38 2.13
CA THR B 206 0.55 -37.51 2.68
C THR B 206 0.30 -37.36 4.19
N THR B 207 0.60 -36.18 4.73
CA THR B 207 0.34 -35.88 6.14
C THR B 207 -1.08 -36.26 6.57
N ARG B 208 -2.08 -35.91 5.76
CA ARG B 208 -3.46 -36.19 6.13
C ARG B 208 -3.73 -37.68 6.19
N VAL B 209 -3.07 -38.44 5.34
N VAL B 209 -3.05 -38.45 5.36
CA VAL B 209 -3.26 -39.87 5.30
CA VAL B 209 -3.29 -39.89 5.33
C VAL B 209 -2.44 -40.58 6.39
C VAL B 209 -2.38 -40.68 6.28
N VAL B 210 -1.19 -40.13 6.56
CA VAL B 210 -0.25 -40.78 7.47
C VAL B 210 -0.54 -40.42 8.94
N ALA B 211 -0.73 -39.13 9.20
CA ALA B 211 -0.89 -38.63 10.56
C ALA B 211 -2.34 -38.28 10.92
N GLY B 212 -3.22 -38.20 9.91
CA GLY B 212 -4.63 -37.89 10.13
C GLY B 212 -4.91 -36.41 10.35
N VAL B 213 -3.93 -35.57 10.04
CA VAL B 213 -3.92 -34.17 10.45
C VAL B 213 -4.01 -33.21 9.26
N GLY B 214 -4.80 -32.15 9.40
CA GLY B 214 -4.87 -31.12 8.37
C GLY B 214 -6.02 -30.17 8.57
N VAL B 215 -6.04 -29.10 7.79
CA VAL B 215 -7.16 -28.17 7.77
C VAL B 215 -7.44 -27.82 6.31
N PRO B 216 -8.70 -27.98 5.86
CA PRO B 216 -9.06 -27.59 4.48
C PRO B 216 -8.55 -26.19 4.18
N GLN B 217 -7.89 -26.04 3.02
CA GLN B 217 -6.97 -24.93 2.85
C GLN B 217 -7.63 -23.55 2.83
N LEU B 218 -8.83 -23.43 2.28
N LEU B 218 -8.84 -23.46 2.29
CA LEU B 218 -9.50 -22.12 2.25
CA LEU B 218 -9.52 -22.17 2.24
C LEU B 218 -9.90 -21.65 3.65
C LEU B 218 -9.86 -21.67 3.64
N THR B 219 -10.41 -22.57 4.46
CA THR B 219 -10.70 -22.24 5.86
C THR B 219 -9.41 -21.90 6.62
N ALA B 220 -8.34 -22.66 6.39
CA ALA B 220 -7.05 -22.35 7.00
C ALA B 220 -6.60 -20.93 6.67
N VAL B 221 -6.68 -20.58 5.38
CA VAL B 221 -6.26 -19.25 4.96
C VAL B 221 -7.13 -18.16 5.59
N TYR B 222 -8.44 -18.34 5.53
CA TYR B 222 -9.37 -17.38 6.08
C TYR B 222 -9.20 -17.20 7.59
N ASP B 223 -9.05 -18.31 8.32
CA ASP B 223 -8.89 -18.25 9.78
C ASP B 223 -7.60 -17.52 10.17
N CYS B 224 -6.51 -17.82 9.46
CA CYS B 224 -5.22 -17.25 9.79
C CYS B 224 -5.17 -15.79 9.35
N ALA B 225 -5.75 -15.49 8.19
CA ALA B 225 -5.81 -14.11 7.73
C ALA B 225 -6.67 -13.26 8.67
N THR B 226 -7.75 -13.84 9.18
CA THR B 226 -8.61 -13.13 10.13
C THR B 226 -7.80 -12.65 11.33
N GLU B 227 -6.94 -13.51 11.86
CA GLU B 227 -6.09 -13.13 12.98
C GLU B 227 -4.97 -12.18 12.54
N ALA B 228 -4.29 -12.51 11.45
CA ALA B 228 -3.14 -11.72 11.01
C ALA B 228 -3.50 -10.29 10.63
N ARG B 229 -4.68 -10.09 10.07
N ARG B 229 -4.68 -10.10 10.05
CA ARG B 229 -5.17 -8.75 9.71
CA ARG B 229 -5.22 -8.78 9.71
C ARG B 229 -5.21 -7.80 10.89
C ARG B 229 -5.21 -7.81 10.90
N LYS B 230 -5.49 -8.33 12.07
CA LYS B 230 -5.57 -7.51 13.29
C LYS B 230 -4.21 -6.89 13.61
N HIS B 231 -3.16 -7.48 13.08
CA HIS B 231 -1.79 -7.06 13.36
C HIS B 231 -1.15 -6.38 12.16
N GLY B 232 -1.90 -6.24 11.07
CA GLY B 232 -1.38 -5.73 9.82
C GLY B 232 -0.39 -6.68 9.14
N ILE B 233 -0.49 -7.97 9.44
CA ILE B 233 0.49 -8.95 8.97
C ILE B 233 -0.08 -9.80 7.82
N PRO B 234 0.69 -9.98 6.73
CA PRO B 234 0.20 -10.76 5.58
C PRO B 234 0.40 -12.26 5.76
N VAL B 235 -0.47 -13.04 5.13
CA VAL B 235 -0.29 -14.48 5.09
C VAL B 235 -0.04 -14.99 3.68
N ILE B 236 0.71 -16.07 3.62
CA ILE B 236 0.97 -16.78 2.37
C ILE B 236 0.11 -18.03 2.36
N ALA B 237 -0.68 -18.21 1.30
CA ALA B 237 -1.44 -19.46 1.13
C ALA B 237 -0.54 -20.47 0.42
N ASP B 238 -0.06 -21.45 1.16
CA ASP B 238 0.92 -22.43 0.69
C ASP B 238 0.33 -23.82 0.51
N GLY B 239 0.20 -24.25 -0.74
CA GLY B 239 -0.17 -25.64 -1.03
C GLY B 239 -1.58 -25.81 -1.58
N GLY B 240 -1.76 -26.89 -2.34
CA GLY B 240 -3.10 -27.27 -2.79
C GLY B 240 -3.62 -26.55 -4.02
N ILE B 241 -2.85 -25.60 -4.55
CA ILE B 241 -3.31 -24.88 -5.72
C ILE B 241 -3.01 -25.66 -7.01
N LYS B 242 -4.08 -26.05 -7.72
CA LYS B 242 -3.97 -26.89 -8.90
C LYS B 242 -4.26 -26.14 -10.19
N TYR B 243 -5.00 -25.05 -10.08
CA TYR B 243 -5.42 -24.27 -11.24
C TYR B 243 -5.30 -22.81 -10.89
N SER B 244 -5.25 -21.95 -11.91
CA SER B 244 -5.17 -20.51 -11.63
C SER B 244 -6.35 -20.06 -10.75
N GLY B 245 -7.52 -20.64 -10.96
CA GLY B 245 -8.69 -20.26 -10.18
C GLY B 245 -8.53 -20.52 -8.70
N ASP B 246 -7.78 -21.56 -8.33
CA ASP B 246 -7.51 -21.85 -6.92
C ASP B 246 -6.74 -20.72 -6.26
N MET B 247 -5.78 -20.15 -7.00
CA MET B 247 -5.02 -19.00 -6.51
C MET B 247 -5.90 -17.78 -6.25
N VAL B 248 -6.80 -17.49 -7.18
CA VAL B 248 -7.72 -16.37 -7.01
C VAL B 248 -8.53 -16.57 -5.73
N LYS B 249 -9.03 -17.79 -5.53
CA LYS B 249 -9.78 -18.11 -4.31
C LYS B 249 -8.94 -17.91 -3.03
N ALA B 250 -7.69 -18.35 -3.06
CA ALA B 250 -6.81 -18.22 -1.90
C ALA B 250 -6.60 -16.74 -1.55
N LEU B 251 -6.40 -15.91 -2.56
CA LEU B 251 -6.17 -14.50 -2.33
C LEU B 251 -7.45 -13.83 -1.84
N ALA B 252 -8.59 -14.24 -2.40
CA ALA B 252 -9.87 -13.68 -2.00
C ALA B 252 -10.27 -14.13 -0.60
N ALA B 253 -9.69 -15.24 -0.14
CA ALA B 253 -9.90 -15.73 1.22
C ALA B 253 -9.06 -14.98 2.25
N GLY B 254 -8.12 -14.15 1.78
CA GLY B 254 -7.39 -13.28 2.69
C GLY B 254 -5.88 -13.30 2.57
N ALA B 255 -5.34 -14.23 1.78
CA ALA B 255 -3.89 -14.29 1.57
C ALA B 255 -3.38 -13.13 0.71
N HIS B 256 -2.19 -12.63 1.05
CA HIS B 256 -1.54 -11.63 0.21
C HIS B 256 -0.93 -12.26 -1.02
N VAL B 257 -0.38 -13.46 -0.87
N VAL B 257 -0.51 -13.51 -0.90
CA VAL B 257 0.25 -14.16 -1.99
CA VAL B 257 0.34 -14.13 -1.92
C VAL B 257 0.01 -15.64 -1.86
C VAL B 257 0.20 -15.65 -1.78
N VAL B 258 0.44 -16.40 -2.86
CA VAL B 258 0.37 -17.86 -2.78
C VAL B 258 1.73 -18.46 -3.05
N MET B 259 1.94 -19.65 -2.50
CA MET B 259 3.16 -20.38 -2.74
C MET B 259 2.78 -21.65 -3.49
N LEU B 260 3.53 -21.95 -4.55
CA LEU B 260 3.19 -23.08 -5.42
C LEU B 260 4.36 -24.03 -5.54
N GLY B 261 4.06 -25.32 -5.51
CA GLY B 261 5.06 -26.35 -5.76
C GLY B 261 4.78 -27.03 -7.09
N SER B 262 3.76 -27.87 -7.14
CA SER B 262 3.48 -28.67 -8.35
C SER B 262 3.32 -27.84 -9.63
N MET B 263 2.68 -26.68 -9.55
CA MET B 263 2.51 -25.88 -10.77
C MET B 263 3.81 -25.32 -11.34
N PHE B 264 4.86 -25.31 -10.54
CA PHE B 264 6.15 -24.80 -10.98
C PHE B 264 7.11 -25.94 -11.25
N ALA B 265 6.84 -27.09 -10.67
CA ALA B 265 7.70 -28.24 -10.87
C ALA B 265 7.64 -28.59 -12.36
N GLY B 266 8.77 -28.94 -12.93
CA GLY B 266 8.78 -29.27 -14.34
C GLY B 266 8.88 -28.11 -15.33
N VAL B 267 8.92 -26.86 -14.87
CA VAL B 267 9.31 -25.79 -15.79
C VAL B 267 10.81 -25.89 -16.00
N ALA B 268 11.32 -25.26 -17.06
CA ALA B 268 12.72 -25.41 -17.43
C ALA B 268 13.67 -25.01 -16.30
N GLU B 269 13.31 -23.98 -15.55
CA GLU B 269 14.21 -23.39 -14.57
C GLU B 269 14.24 -24.12 -13.23
N SER B 270 13.35 -25.11 -13.06
CA SER B 270 13.33 -25.89 -11.82
C SER B 270 14.53 -26.84 -11.83
N PRO B 271 15.02 -27.25 -10.64
CA PRO B 271 16.20 -28.11 -10.66
C PRO B 271 15.85 -29.52 -11.12
N GLY B 272 16.88 -30.33 -11.38
CA GLY B 272 16.65 -31.68 -11.84
C GLY B 272 16.59 -31.74 -13.36
N GLU B 273 16.91 -32.89 -13.91
CA GLU B 273 16.93 -33.09 -15.36
C GLU B 273 15.57 -33.47 -15.89
N THR B 274 15.40 -33.28 -17.19
CA THR B 274 14.21 -33.73 -17.89
C THR B 274 14.39 -35.19 -18.26
N GLU B 275 13.51 -36.05 -17.75
CA GLU B 275 13.56 -37.46 -18.11
C GLU B 275 12.59 -37.77 -19.25
N ILE B 276 12.97 -38.71 -20.11
CA ILE B 276 12.13 -39.11 -21.23
C ILE B 276 11.46 -40.43 -20.92
N TYR B 277 10.15 -40.50 -21.13
CA TYR B 277 9.38 -41.70 -20.82
C TYR B 277 8.28 -41.88 -21.85
N GLN B 278 8.57 -42.73 -22.84
CA GLN B 278 7.68 -42.99 -23.99
C GLN B 278 7.52 -41.77 -24.91
N GLY B 279 8.63 -41.11 -25.23
CA GLY B 279 8.61 -39.93 -26.06
C GLY B 279 7.97 -38.73 -25.38
N ARG B 280 7.78 -38.84 -24.07
CA ARG B 280 7.21 -37.75 -23.28
C ARG B 280 8.26 -37.24 -22.29
N GLN B 281 8.35 -35.92 -22.13
CA GLN B 281 9.31 -35.35 -21.20
C GLN B 281 8.69 -35.11 -19.82
N PHE B 282 9.44 -35.47 -18.78
CA PHE B 282 8.96 -35.33 -17.40
C PHE B 282 10.09 -34.84 -16.50
N LYS B 283 9.70 -34.21 -15.40
CA LYS B 283 10.64 -33.90 -14.34
C LYS B 283 10.12 -34.55 -13.07
N VAL B 284 11.04 -34.94 -12.20
CA VAL B 284 10.67 -35.45 -10.88
C VAL B 284 10.10 -34.32 -10.03
N TYR B 285 9.02 -34.60 -9.32
CA TYR B 285 8.52 -33.69 -8.29
C TYR B 285 8.24 -34.53 -7.06
N ARG B 286 8.75 -34.10 -5.90
CA ARG B 286 8.61 -34.91 -4.68
C ARG B 286 8.45 -34.03 -3.45
N GLY B 287 7.73 -34.54 -2.46
CA GLY B 287 7.62 -33.86 -1.19
C GLY B 287 8.97 -33.80 -0.49
N MET B 288 9.15 -32.78 0.34
CA MET B 288 10.38 -32.66 1.10
C MET B 288 10.39 -33.66 2.25
N GLY B 289 9.23 -34.27 2.50
CA GLY B 289 9.10 -35.34 3.49
C GLY B 289 9.04 -36.72 2.86
N SER B 290 9.38 -36.82 1.59
CA SER B 290 9.45 -38.11 0.92
C SER B 290 10.78 -38.78 1.23
N VAL B 291 10.86 -40.09 1.00
CA VAL B 291 12.08 -40.84 1.26
C VAL B 291 13.28 -40.20 0.54
N GLY B 292 13.12 -39.92 -0.74
CA GLY B 292 14.18 -39.33 -1.55
C GLY B 292 14.74 -38.04 -1.00
N ALA B 293 13.86 -37.07 -0.73
CA ALA B 293 14.28 -35.78 -0.19
C ALA B 293 14.88 -35.89 1.22
N MET B 294 14.32 -36.79 2.03
CA MET B 294 14.82 -36.99 3.38
C MET B 294 16.20 -37.67 3.41
N GLU B 295 16.50 -38.46 2.39
CA GLU B 295 17.83 -39.05 2.26
C GLU B 295 18.90 -37.98 2.09
N LYS B 296 18.60 -36.96 1.30
CA LYS B 296 19.57 -35.93 0.93
C LYS B 296 19.58 -34.77 1.92
N LYS B 309 12.45 -43.14 14.16
CA LYS B 309 12.62 -42.44 12.89
C LYS B 309 11.28 -42.09 12.24
N LEU B 310 11.21 -40.87 11.70
CA LEU B 310 9.99 -40.35 11.08
C LEU B 310 9.63 -41.13 9.83
N VAL B 311 8.34 -41.45 9.68
CA VAL B 311 7.87 -42.07 8.47
C VAL B 311 7.60 -40.95 7.47
N PRO B 312 7.74 -41.24 6.17
CA PRO B 312 7.56 -40.16 5.18
C PRO B 312 6.17 -39.55 5.23
N GLU B 313 6.09 -38.26 4.91
CA GLU B 313 4.82 -37.53 4.84
C GLU B 313 4.68 -36.86 3.48
N GLY B 314 5.43 -37.37 2.52
CA GLY B 314 5.36 -36.88 1.16
C GLY B 314 5.68 -38.01 0.20
N ILE B 315 5.23 -37.90 -1.04
CA ILE B 315 5.53 -38.93 -2.03
C ILE B 315 6.44 -38.36 -3.12
N GLU B 316 6.89 -39.24 -4.00
CA GLU B 316 7.71 -38.86 -5.15
C GLU B 316 6.92 -39.14 -6.41
N GLY B 317 6.93 -38.21 -7.36
CA GLY B 317 6.15 -38.38 -8.56
C GLY B 317 6.86 -37.76 -9.75
N ARG B 318 6.15 -37.71 -10.87
CA ARG B 318 6.68 -37.04 -12.04
C ARG B 318 5.59 -36.15 -12.58
N VAL B 319 5.99 -35.00 -13.10
CA VAL B 319 5.07 -34.07 -13.71
C VAL B 319 5.59 -33.82 -15.12
N PRO B 320 4.69 -33.49 -16.05
CA PRO B 320 5.08 -33.20 -17.44
C PRO B 320 6.01 -31.99 -17.51
N TYR B 321 6.97 -32.01 -18.43
CA TYR B 321 7.79 -30.84 -18.68
C TYR B 321 6.89 -29.74 -19.23
N LYS B 322 7.02 -28.53 -18.72
N LYS B 322 7.00 -28.52 -18.71
CA LYS B 322 6.11 -27.45 -19.07
CA LYS B 322 6.10 -27.45 -19.11
C LYS B 322 6.80 -26.31 -19.81
C LYS B 322 6.78 -26.34 -19.91
N GLY B 323 8.09 -26.48 -20.12
CA GLY B 323 8.85 -25.43 -20.76
C GLY B 323 9.14 -24.27 -19.81
N PRO B 324 9.46 -23.10 -20.36
CA PRO B 324 9.90 -21.92 -19.59
C PRO B 324 8.89 -21.47 -18.56
N LEU B 325 9.37 -21.15 -17.36
CA LEU B 325 8.54 -20.60 -16.29
C LEU B 325 7.58 -19.51 -16.77
N ALA B 326 8.09 -18.63 -17.63
CA ALA B 326 7.31 -17.50 -18.14
C ALA B 326 5.93 -17.90 -18.67
N ASP B 327 5.86 -19.00 -19.42
CA ASP B 327 4.58 -19.47 -19.96
C ASP B 327 3.58 -19.77 -18.86
N THR B 328 4.04 -20.46 -17.82
CA THR B 328 3.20 -20.81 -16.69
C THR B 328 2.79 -19.60 -15.86
N VAL B 329 3.73 -18.70 -15.61
CA VAL B 329 3.39 -17.46 -14.92
C VAL B 329 2.35 -16.63 -15.70
N HIS B 330 2.51 -16.54 -17.02
CA HIS B 330 1.57 -15.78 -17.84
C HIS B 330 0.14 -16.32 -17.71
N GLN B 331 -0.01 -17.63 -17.77
CA GLN B 331 -1.32 -18.25 -17.56
C GLN B 331 -1.89 -18.02 -16.16
N LEU B 332 -1.06 -18.14 -15.13
CA LEU B 332 -1.52 -17.94 -13.76
C LEU B 332 -2.01 -16.51 -13.55
N VAL B 333 -1.19 -15.54 -13.94
CA VAL B 333 -1.53 -14.15 -13.72
C VAL B 333 -2.73 -13.75 -14.57
N GLY B 334 -2.80 -14.29 -15.79
CA GLY B 334 -3.93 -14.04 -16.67
C GLY B 334 -5.24 -14.54 -16.08
N GLY B 335 -5.21 -15.73 -15.47
CA GLY B 335 -6.37 -16.22 -14.70
C GLY B 335 -6.77 -15.30 -13.55
N LEU B 336 -5.78 -14.80 -12.84
CA LEU B 336 -6.01 -13.89 -11.73
C LEU B 336 -6.64 -12.59 -12.24
N ARG B 337 -6.12 -12.08 -13.36
CA ARG B 337 -6.67 -10.83 -13.89
C ARG B 337 -8.15 -10.98 -14.25
N ALA B 338 -8.50 -12.14 -14.82
CA ALA B 338 -9.89 -12.41 -15.16
C ALA B 338 -10.75 -12.46 -13.90
N GLY B 339 -10.31 -13.22 -12.92
CA GLY B 339 -11.04 -13.35 -11.65
C GLY B 339 -11.25 -12.01 -10.98
N MET B 340 -10.23 -11.17 -10.98
CA MET B 340 -10.31 -9.84 -10.38
C MET B 340 -11.32 -8.97 -11.13
N GLY B 341 -11.29 -9.05 -12.45
CA GLY B 341 -12.25 -8.35 -13.29
C GLY B 341 -13.67 -8.75 -12.94
N TYR B 342 -13.93 -10.04 -12.83
CA TYR B 342 -15.27 -10.52 -12.47
C TYR B 342 -15.70 -10.03 -11.08
N CYS B 343 -14.74 -9.86 -10.18
CA CYS B 343 -15.05 -9.42 -8.82
C CYS B 343 -15.04 -7.90 -8.64
N GLY B 344 -14.69 -7.17 -9.70
CA GLY B 344 -14.59 -5.71 -9.63
C GLY B 344 -13.41 -5.24 -8.80
N ALA B 345 -12.39 -6.10 -8.70
CA ALA B 345 -11.20 -5.79 -7.92
C ALA B 345 -10.14 -5.13 -8.79
N GLN B 346 -9.93 -3.84 -8.59
CA GLN B 346 -8.90 -3.15 -9.37
C GLN B 346 -7.51 -3.54 -8.81
N ASP B 347 -7.49 -3.98 -7.56
CA ASP B 347 -6.26 -4.46 -6.93
C ASP B 347 -6.52 -5.55 -5.89
N LEU B 348 -5.46 -6.16 -5.38
CA LEU B 348 -5.61 -7.31 -4.50
C LEU B 348 -6.17 -6.92 -3.14
N GLU B 349 -5.87 -5.71 -2.68
CA GLU B 349 -6.49 -5.24 -1.44
C GLU B 349 -8.02 -5.26 -1.53
N PHE B 350 -8.57 -4.76 -2.63
CA PHE B 350 -10.03 -4.81 -2.79
C PHE B 350 -10.52 -6.26 -2.81
N LEU B 351 -9.84 -7.13 -3.53
CA LEU B 351 -10.22 -8.54 -3.61
C LEU B 351 -10.24 -9.17 -2.21
N ARG B 352 -9.16 -9.02 -1.46
CA ARG B 352 -9.09 -9.55 -0.08
C ARG B 352 -10.21 -9.03 0.79
N GLU B 353 -10.47 -7.74 0.69
CA GLU B 353 -11.41 -7.09 1.59
C GLU B 353 -12.86 -7.31 1.20
N ASN B 354 -13.13 -7.50 -0.09
CA ASN B 354 -14.52 -7.47 -0.55
C ASN B 354 -15.09 -8.71 -1.23
N ALA B 355 -14.24 -9.56 -1.79
CA ALA B 355 -14.76 -10.66 -2.59
C ALA B 355 -15.62 -11.60 -1.76
N GLN B 356 -16.70 -12.09 -2.36
CA GLN B 356 -17.63 -12.99 -1.67
C GLN B 356 -17.63 -14.34 -2.37
N PHE B 357 -17.83 -15.41 -1.59
CA PHE B 357 -17.88 -16.76 -2.14
C PHE B 357 -19.30 -17.31 -2.10
N ILE B 358 -19.55 -18.35 -2.88
CA ILE B 358 -20.77 -19.13 -2.74
C ILE B 358 -20.36 -20.58 -2.63
N ARG B 359 -20.94 -21.29 -1.66
CA ARG B 359 -20.59 -22.69 -1.44
C ARG B 359 -21.39 -23.60 -2.36
N MET B 360 -20.78 -24.68 -2.82
CA MET B 360 -21.49 -25.62 -3.64
C MET B 360 -21.29 -27.04 -3.18
N SER B 361 -22.12 -27.94 -3.71
CA SER B 361 -21.97 -29.36 -3.46
C SER B 361 -21.00 -29.97 -4.48
N GLY B 362 -20.77 -31.28 -4.38
CA GLY B 362 -19.98 -31.99 -5.36
C GLY B 362 -20.58 -31.93 -6.76
N ALA B 363 -21.90 -31.80 -6.83
CA ALA B 363 -22.59 -31.64 -8.11
C ALA B 363 -22.29 -30.25 -8.66
N GLY B 364 -22.06 -29.30 -7.76
CA GLY B 364 -21.65 -27.96 -8.15
C GLY B 364 -20.27 -28.02 -8.80
N LEU B 365 -19.39 -28.82 -8.22
CA LEU B 365 -18.03 -29.00 -8.74
C LEU B 365 -18.04 -29.55 -10.18
N LEU B 366 -18.93 -30.48 -10.46
CA LEU B 366 -19.00 -31.08 -11.79
C LEU B 366 -19.53 -30.12 -12.87
N GLU B 367 -20.48 -29.26 -12.51
CA GLU B 367 -20.96 -28.21 -13.42
C GLU B 367 -19.82 -27.24 -13.71
N SER B 368 -18.90 -27.14 -12.76
CA SER B 368 -17.84 -26.13 -12.75
C SER B 368 -16.59 -26.51 -13.56
N HIS B 369 -16.56 -27.74 -14.03
CA HIS B 369 -15.52 -28.19 -14.96
C HIS B 369 -16.21 -28.54 -16.27
N PRO B 370 -15.48 -28.48 -17.39
CA PRO B 370 -16.04 -28.90 -18.68
C PRO B 370 -16.66 -30.29 -18.58
N HIS B 371 -17.90 -30.42 -19.03
CA HIS B 371 -18.67 -31.65 -18.83
C HIS B 371 -19.43 -32.07 -20.08
N HIS B 372 -19.50 -33.38 -20.31
CA HIS B 372 -20.26 -33.97 -21.41
C HIS B 372 -19.77 -33.58 -22.82
N VAL B 373 -18.60 -32.96 -22.90
CA VAL B 373 -17.99 -32.60 -24.18
C VAL B 373 -16.55 -33.12 -24.26
N GLN B 374 -16.28 -33.98 -25.24
CA GLN B 374 -14.96 -34.58 -25.36
C GLN B 374 -13.90 -33.60 -25.84
N ILE B 375 -12.99 -33.25 -24.94
CA ILE B 375 -11.90 -32.33 -25.27
C ILE B 375 -10.91 -32.96 -26.26
N THR B 376 -10.57 -32.23 -27.31
CA THR B 376 -9.71 -32.74 -28.38
C THR B 376 -8.36 -32.04 -28.41
N LYS B 377 -8.35 -30.75 -28.07
CA LYS B 377 -7.12 -29.98 -28.01
C LYS B 377 -6.90 -29.44 -26.60
N GLU B 378 -5.66 -29.57 -26.12
CA GLU B 378 -5.32 -29.15 -24.76
C GLU B 378 -5.34 -27.64 -24.59
N ALA B 379 -6.05 -27.17 -23.57
CA ALA B 379 -6.06 -25.74 -23.24
C ALA B 379 -4.77 -25.37 -22.52
N PRO B 380 -4.28 -24.14 -22.73
CA PRO B 380 -3.06 -23.66 -22.05
C PRO B 380 -3.25 -23.37 -20.55
N ASN B 381 -4.49 -23.36 -20.08
CA ASN B 381 -4.75 -23.18 -18.65
C ASN B 381 -5.68 -24.25 -18.04
N TYR B 382 -5.86 -25.35 -18.76
CA TYR B 382 -6.68 -26.46 -18.29
C TYR B 382 -6.23 -27.77 -18.92
#